data_3RNU
#
_entry.id   3RNU
#
_cell.length_a   126.841
_cell.length_b   126.841
_cell.length_c   163.868
_cell.angle_alpha   90.00
_cell.angle_beta   90.00
_cell.angle_gamma   120.00
#
_symmetry.space_group_name_H-M   'H 3'
#
loop_
_entity.id
_entity.type
_entity.pdbx_description
1 polymer 'Gamma-interferon-inducible protein 16'
2 polymer "DNA (5'-D(*GP*CP*CP*AP*TP*CP*AP*AP*AP*GP*AP*GP*AP*GP*AP*G)-3')"
3 polymer "DNA (5'-D(*TP*CP*TP*CP*TP*CP*TP*TP*TP*GP*AP*TP*GP*GP*CP*C)-3')"
4 non-polymer 'FORMIC ACID'
5 non-polymer 1,2-ETHANEDIOL
6 water water
#
loop_
_entity_poly.entity_id
_entity_poly.type
_entity_poly.pdbx_seq_one_letter_code
_entity_poly.pdbx_strand_id
1 'polypeptide(L)'
;GSVDDSAQSDLKEVMVLNATESFVYEPKEQKKMFHATVATENEVFRVKVFNIDLKEKFTPKKIIAIANYVCRNGFLEVYP
FTLVADVNADRNMEIPKGLIRSASVTPKINQLCSQTKGSFVNGVFEVHKKNVRGEFTYYEIQDNTGKMEVVVHGRLTTIN
CEEGDKLKLTCFELAPKSGNTGELRSVIHSHIKVIKTRKNAAAS
;
A,B,C,D
2 'polydeoxyribonucleotide' (DG)(DC)(DC)(DA)(DT)(DC)(DA)(DA)(DA)(DG)(DA)(DG)(DA)(DG)(DA)(DG) K
3 'polydeoxyribonucleotide' (DT)(DC)(DT)(DC)(DT)(DC)(DT)(DT)(DT)(DG)(DA)(DT)(DG)(DG)(DC)(DC) L
#
loop_
_chem_comp.id
_chem_comp.type
_chem_comp.name
_chem_comp.formula
DA DNA linking 2'-DEOXYADENOSINE-5'-MONOPHOSPHATE 'C10 H14 N5 O6 P'
DC DNA linking 2'-DEOXYCYTIDINE-5'-MONOPHOSPHATE 'C9 H14 N3 O7 P'
DG DNA linking 2'-DEOXYGUANOSINE-5'-MONOPHOSPHATE 'C10 H14 N5 O7 P'
DT DNA linking THYMIDINE-5'-MONOPHOSPHATE 'C10 H15 N2 O8 P'
EDO non-polymer 1,2-ETHANEDIOL 'C2 H6 O2'
FMT non-polymer 'FORMIC ACID' 'C H2 O2'
#
# COMPACT_ATOMS: atom_id res chain seq x y z
N SER A 6 31.32 -9.56 33.44
CA SER A 6 31.02 -10.98 33.36
C SER A 6 29.95 -11.26 32.29
N ALA A 7 30.38 -11.33 31.05
CA ALA A 7 29.50 -11.65 29.94
C ALA A 7 30.07 -12.82 29.13
N GLN A 8 29.24 -13.86 28.94
CA GLN A 8 29.67 -15.09 28.27
C GLN A 8 30.39 -14.84 26.95
N SER A 9 29.69 -14.23 26.01
CA SER A 9 30.26 -13.88 24.70
C SER A 9 30.36 -15.09 23.76
N ASP A 10 30.06 -16.28 24.28
CA ASP A 10 30.10 -17.49 23.45
C ASP A 10 29.07 -17.41 22.33
N LEU A 11 29.42 -17.95 21.16
CA LEU A 11 28.63 -17.77 19.93
C LEU A 11 27.16 -18.15 20.05
N LYS A 12 26.28 -17.25 19.61
CA LYS A 12 24.83 -17.51 19.56
C LYS A 12 24.32 -17.66 18.14
N GLU A 13 23.38 -18.57 17.94
CA GLU A 13 22.62 -18.65 16.70
C GLU A 13 21.27 -18.00 16.96
N VAL A 14 20.90 -17.02 16.15
CA VAL A 14 19.71 -16.24 16.43
C VAL A 14 18.86 -16.03 15.19
N MET A 15 17.64 -15.56 15.39
CA MET A 15 16.81 -15.09 14.30
C MET A 15 16.62 -13.58 14.45
N VAL A 16 16.63 -12.87 13.32
CA VAL A 16 16.46 -11.44 13.32
C VAL A 16 14.99 -11.02 13.43
N LEU A 17 14.68 -10.27 14.49
CA LEU A 17 13.33 -9.79 14.73
C LEU A 17 13.07 -8.48 14.01
N ASN A 18 13.84 -7.47 14.39
CA ASN A 18 13.74 -6.15 13.80
C ASN A 18 15.10 -5.49 13.80
N ALA A 19 15.26 -4.48 12.95
CA ALA A 19 16.47 -3.68 12.94
C ALA A 19 16.16 -2.28 12.44
N THR A 20 16.81 -1.28 13.00
CA THR A 20 16.71 0.07 12.50
C THR A 20 17.58 0.26 11.27
N GLU A 21 17.29 1.31 10.51
CA GLU A 21 18.12 1.72 9.40
C GLU A 21 19.47 2.16 9.94
N SER A 22 20.47 2.18 9.08
CA SER A 22 21.76 2.72 9.46
C SER A 22 21.62 4.23 9.54
N PHE A 23 22.28 4.83 10.52
CA PHE A 23 22.24 6.28 10.72
C PHE A 23 23.57 6.78 11.30
N VAL A 24 23.81 8.08 11.24
CA VAL A 24 25.05 8.63 11.76
C VAL A 24 24.79 9.02 13.21
N TYR A 25 25.37 8.26 14.14
CA TYR A 25 25.22 8.56 15.56
C TYR A 25 26.37 9.42 16.07
N GLU A 26 27.42 9.55 15.27
CA GLU A 26 28.48 10.49 15.60
C GLU A 26 28.84 11.38 14.40
N PRO A 27 28.22 12.56 14.33
CA PRO A 27 28.39 13.51 13.22
C PRO A 27 29.85 13.84 12.95
N LYS A 28 30.62 14.10 13.99
CA LYS A 28 32.00 14.55 13.85
C LYS A 28 32.83 13.60 13.00
N GLU A 29 32.70 12.31 13.27
CA GLU A 29 33.44 11.29 12.53
C GLU A 29 32.61 10.66 11.41
N GLN A 30 31.35 11.07 11.31
CA GLN A 30 30.40 10.42 10.41
C GLN A 30 30.26 8.94 10.78
N LYS A 31 30.32 8.68 12.08
CA LYS A 31 30.17 7.34 12.60
C LYS A 31 28.73 6.91 12.44
N LYS A 32 28.53 5.73 11.87
CA LYS A 32 27.20 5.18 11.63
C LYS A 32 27.00 3.86 12.37
N MET A 33 25.75 3.52 12.63
CA MET A 33 25.40 2.27 13.28
C MET A 33 23.95 1.94 12.94
N PHE A 34 23.55 0.70 13.16
CA PHE A 34 22.14 0.45 13.28
C PHE A 34 21.89 -0.47 14.46
N HIS A 35 20.62 -0.59 14.85
CA HIS A 35 20.22 -1.40 15.98
C HIS A 35 19.50 -2.61 15.44
N ALA A 36 19.53 -3.69 16.21
CA ALA A 36 18.72 -4.83 15.86
C ALA A 36 18.31 -5.57 17.12
N THR A 37 17.08 -6.09 17.13
CA THR A 37 16.66 -7.03 18.15
C THR A 37 16.74 -8.44 17.58
N VAL A 38 17.51 -9.30 18.22
CA VAL A 38 17.61 -10.67 17.76
C VAL A 38 17.06 -11.62 18.82
N ALA A 39 16.93 -12.89 18.49
CA ALA A 39 16.41 -13.85 19.46
C ALA A 39 16.88 -15.29 19.26
N THR A 40 17.17 -15.96 20.37
CA THR A 40 17.31 -17.41 20.37
C THR A 40 15.94 -17.94 20.71
N GLU A 41 15.83 -19.23 21.02
CA GLU A 41 14.55 -19.75 21.46
C GLU A 41 14.29 -19.38 22.93
N ASN A 42 15.35 -19.28 23.71
CA ASN A 42 15.27 -18.90 25.11
C ASN A 42 15.19 -17.39 25.45
N GLU A 43 15.99 -16.57 24.77
CA GLU A 43 16.13 -15.18 25.19
C GLU A 43 16.24 -14.16 24.04
N VAL A 44 15.83 -12.92 24.33
CA VAL A 44 15.88 -11.81 23.38
C VAL A 44 17.10 -10.94 23.64
N PHE A 45 17.79 -10.55 22.57
CA PHE A 45 19.02 -9.77 22.69
C PHE A 45 18.97 -8.45 21.94
N ARG A 46 19.55 -7.41 22.54
CA ARG A 46 19.63 -6.14 21.84
C ARG A 46 20.99 -6.00 21.21
N VAL A 47 21.01 -5.91 19.89
CA VAL A 47 22.24 -5.81 19.14
C VAL A 47 22.50 -4.37 18.70
N LYS A 48 23.76 -3.96 18.74
CA LYS A 48 24.17 -2.72 18.11
C LYS A 48 25.13 -3.11 17.02
N VAL A 49 24.87 -2.64 15.80
CA VAL A 49 25.69 -3.04 14.67
C VAL A 49 26.49 -1.88 14.09
N PHE A 50 27.81 -1.97 14.24
CA PHE A 50 28.72 -0.91 13.83
C PHE A 50 29.37 -1.15 12.45
N ASN A 51 29.02 -2.28 11.83
CA ASN A 51 29.36 -2.52 10.43
C ASN A 51 28.07 -2.56 9.63
N ILE A 52 27.80 -1.52 8.86
CA ILE A 52 26.47 -1.37 8.24
C ILE A 52 26.33 -2.12 6.91
N ASP A 53 27.40 -2.77 6.48
CA ASP A 53 27.35 -3.62 5.30
C ASP A 53 26.81 -4.98 5.72
N LEU A 54 26.53 -5.12 7.02
CA LEU A 54 25.93 -6.32 7.56
C LEU A 54 24.41 -6.23 7.48
N LYS A 55 23.92 -5.07 7.09
CA LYS A 55 22.51 -4.79 7.08
C LYS A 55 21.75 -5.86 6.29
N GLU A 56 22.44 -6.52 5.37
CA GLU A 56 21.81 -7.54 4.56
C GLU A 56 21.63 -8.85 5.32
N LYS A 57 22.60 -9.18 6.18
CA LYS A 57 22.50 -10.36 7.03
C LYS A 57 21.45 -10.15 8.11
N PHE A 58 21.11 -8.89 8.32
CA PHE A 58 20.18 -8.49 9.37
C PHE A 58 18.73 -8.37 8.93
N THR A 59 18.42 -8.81 7.72
CA THR A 59 17.03 -8.89 7.28
C THR A 59 16.24 -9.64 8.33
N PRO A 60 15.08 -9.10 8.73
CA PRO A 60 14.28 -9.82 9.72
C PRO A 60 13.88 -11.20 9.21
N LYS A 61 13.56 -12.11 10.14
CA LYS A 61 13.25 -13.50 9.84
C LYS A 61 14.49 -14.35 9.57
N LYS A 62 15.63 -13.73 9.29
CA LYS A 62 16.85 -14.45 8.96
C LYS A 62 17.52 -15.08 10.19
N ILE A 63 17.98 -16.32 10.03
CA ILE A 63 18.71 -16.99 11.09
C ILE A 63 20.18 -16.83 10.80
N ILE A 64 20.93 -16.48 11.83
CA ILE A 64 22.33 -16.16 11.67
C ILE A 64 23.08 -16.53 12.93
N ALA A 65 24.39 -16.71 12.79
CA ALA A 65 25.26 -16.90 13.93
C ALA A 65 26.07 -15.66 14.14
N ILE A 66 26.21 -15.25 15.40
CA ILE A 66 27.09 -14.15 15.75
C ILE A 66 28.12 -14.52 16.81
N ALA A 67 29.40 -14.35 16.49
CA ALA A 67 30.45 -14.69 17.41
C ALA A 67 31.51 -13.61 17.48
N ASN A 68 32.19 -13.52 18.62
CA ASN A 68 33.20 -12.50 18.86
C ASN A 68 32.67 -11.05 18.78
N TYR A 69 31.61 -10.83 19.54
CA TYR A 69 30.91 -9.55 19.63
C TYR A 69 31.17 -9.01 21.02
N VAL A 70 31.09 -7.70 21.20
CA VAL A 70 31.33 -7.15 22.53
C VAL A 70 30.05 -6.92 23.30
N CYS A 71 29.95 -7.52 24.48
CA CYS A 71 28.79 -7.31 25.32
C CYS A 71 29.06 -6.14 26.26
N ARG A 72 28.31 -5.05 26.07
CA ARG A 72 28.43 -3.89 26.94
C ARG A 72 27.06 -3.28 27.19
N ASN A 73 26.71 -3.12 28.46
CA ASN A 73 25.44 -2.45 28.82
C ASN A 73 24.16 -3.12 28.31
N GLY A 74 24.10 -4.44 28.36
CA GLY A 74 22.92 -5.18 27.95
C GLY A 74 22.82 -5.41 26.46
N PHE A 75 23.69 -4.75 25.71
CA PHE A 75 23.68 -4.80 24.25
C PHE A 75 24.78 -5.68 23.73
N LEU A 76 24.53 -6.29 22.58
CA LEU A 76 25.58 -7.00 21.85
C LEU A 76 26.16 -6.09 20.78
N GLU A 77 27.40 -5.67 20.96
CA GLU A 77 28.02 -4.75 20.02
C GLU A 77 28.72 -5.51 18.91
N VAL A 78 28.28 -5.26 17.68
CA VAL A 78 28.79 -5.98 16.52
C VAL A 78 29.76 -5.14 15.70
N TYR A 79 31.04 -5.49 15.77
CA TYR A 79 32.05 -4.73 15.05
C TYR A 79 32.54 -5.44 13.79
N PRO A 80 33.38 -4.76 12.99
CA PRO A 80 33.82 -5.30 11.69
C PRO A 80 34.51 -6.63 11.82
N PHE A 81 35.11 -6.88 12.97
CA PHE A 81 35.83 -8.11 13.20
C PHE A 81 34.92 -9.20 13.72
N THR A 82 33.68 -8.84 14.04
CA THR A 82 32.72 -9.80 14.58
C THR A 82 32.30 -10.82 13.52
N LEU A 83 31.98 -12.03 13.98
CA LEU A 83 31.53 -13.11 13.11
C LEU A 83 30.02 -13.09 12.94
N VAL A 84 29.58 -12.87 11.71
CA VAL A 84 28.16 -12.91 11.40
C VAL A 84 27.98 -13.69 10.11
N ALA A 85 27.28 -14.81 10.19
CA ALA A 85 27.14 -15.64 9.01
C ALA A 85 25.73 -16.21 8.92
N ASP A 86 25.38 -16.71 7.74
CA ASP A 86 24.04 -17.23 7.47
C ASP A 86 23.82 -18.60 8.09
N VAL A 87 22.59 -18.85 8.52
CA VAL A 87 22.23 -20.13 9.10
C VAL A 87 21.30 -20.89 8.16
N ASN A 88 21.70 -22.11 7.82
CA ASN A 88 21.02 -22.90 6.80
C ASN A 88 19.65 -23.38 7.26
N ALA A 89 19.01 -24.18 6.42
CA ALA A 89 17.67 -24.69 6.71
C ALA A 89 17.70 -25.70 7.86
N ASP A 90 18.87 -26.30 8.09
CA ASP A 90 19.04 -27.32 9.14
C ASP A 90 18.45 -26.86 10.46
N ARG A 91 18.78 -25.63 10.86
CA ARG A 91 18.28 -25.07 12.10
C ARG A 91 16.78 -25.27 12.21
N ASN A 92 16.01 -24.51 11.42
CA ASN A 92 14.57 -24.61 11.49
C ASN A 92 14.13 -24.34 12.93
N MET A 93 14.62 -23.26 13.52
CA MET A 93 14.35 -22.98 14.92
C MET A 93 13.04 -22.22 15.11
N GLU A 94 12.29 -22.62 16.12
CA GLU A 94 11.02 -21.99 16.43
C GLU A 94 11.10 -21.24 17.76
N ILE A 95 10.80 -19.95 17.69
CA ILE A 95 10.91 -19.06 18.85
C ILE A 95 9.55 -18.81 19.50
N PRO A 96 9.48 -18.97 20.82
CA PRO A 96 8.23 -18.83 21.59
C PRO A 96 7.52 -17.49 21.37
N LYS A 97 6.24 -17.56 21.03
CA LYS A 97 5.46 -16.38 20.71
C LYS A 97 5.44 -15.36 21.84
N GLY A 98 5.22 -15.82 23.07
CA GLY A 98 5.12 -14.93 24.20
C GLY A 98 6.36 -14.09 24.41
N LEU A 99 7.52 -14.66 24.09
CA LEU A 99 8.80 -13.98 24.25
C LEU A 99 9.09 -13.00 23.11
N ILE A 100 8.78 -13.41 21.89
CA ILE A 100 8.94 -12.55 20.72
C ILE A 100 8.02 -11.34 20.86
N ARG A 101 6.89 -11.55 21.52
CA ARG A 101 5.91 -10.50 21.78
C ARG A 101 6.36 -9.62 22.95
N SER A 102 6.92 -10.26 23.97
CA SER A 102 7.37 -9.55 25.17
C SER A 102 8.48 -8.57 24.84
N ALA A 103 9.16 -8.81 23.72
CA ALA A 103 10.27 -7.97 23.27
C ALA A 103 9.79 -6.69 22.59
N SER A 104 8.61 -6.75 21.98
CA SER A 104 8.06 -5.63 21.23
C SER A 104 7.06 -4.78 22.03
N VAL A 105 6.85 -5.12 23.29
CA VAL A 105 5.93 -4.37 24.14
C VAL A 105 6.59 -3.14 24.77
N THR A 106 5.88 -2.02 24.75
CA THR A 106 6.34 -0.81 25.41
C THR A 106 5.97 -0.86 26.88
N PRO A 107 6.96 -0.66 27.77
CA PRO A 107 6.65 -0.66 29.20
C PRO A 107 5.73 0.51 29.53
N LYS A 108 4.72 0.28 30.37
CA LYS A 108 3.80 1.34 30.76
C LYS A 108 4.53 2.45 31.52
N ILE A 109 4.04 3.68 31.40
CA ILE A 109 4.71 4.85 31.94
C ILE A 109 4.79 4.87 33.47
N ASN A 110 3.74 4.43 34.15
CA ASN A 110 3.77 4.36 35.61
C ASN A 110 4.80 3.36 36.12
N GLN A 111 5.23 2.45 35.25
CA GLN A 111 6.23 1.44 35.57
C GLN A 111 7.63 2.03 35.62
N LEU A 112 7.94 2.83 34.60
CA LEU A 112 9.28 3.35 34.40
C LEU A 112 9.62 4.38 35.46
N CYS A 113 8.63 5.15 35.89
CA CYS A 113 8.81 6.09 36.99
C CYS A 113 9.14 5.34 38.27
N SER A 114 8.27 4.39 38.64
CA SER A 114 8.41 3.63 39.88
C SER A 114 9.66 2.75 39.88
N GLN A 115 10.34 2.69 38.74
CA GLN A 115 11.59 1.94 38.63
C GLN A 115 12.74 2.77 39.21
N THR A 116 13.38 2.22 40.22
CA THR A 116 14.43 2.93 40.95
C THR A 116 15.80 2.62 40.37
N LYS A 117 15.83 1.75 39.38
CA LYS A 117 17.08 1.29 38.80
C LYS A 117 17.32 1.91 37.43
N GLY A 118 18.58 2.15 37.09
CA GLY A 118 18.94 2.59 35.77
C GLY A 118 18.84 1.45 34.78
N SER A 119 18.50 1.75 33.53
CA SER A 119 18.36 0.72 32.51
C SER A 119 18.24 1.35 31.13
N PHE A 120 18.08 0.51 30.11
CA PHE A 120 17.88 0.99 28.74
C PHE A 120 16.51 0.56 28.22
N VAL A 121 15.90 1.39 27.37
CA VAL A 121 14.52 1.16 26.97
C VAL A 121 14.22 1.38 25.49
N ASN A 122 13.47 0.43 24.92
CA ASN A 122 12.89 0.58 23.60
C ASN A 122 11.39 0.77 23.76
N GLY A 123 10.89 1.96 23.44
CA GLY A 123 9.47 2.22 23.62
C GLY A 123 8.89 3.27 22.70
N VAL A 124 7.57 3.18 22.51
CA VAL A 124 6.81 4.13 21.72
C VAL A 124 5.84 4.88 22.63
N PHE A 125 5.84 6.21 22.53
CA PHE A 125 5.00 7.02 23.41
C PHE A 125 4.45 8.24 22.70
N GLU A 126 3.44 8.84 23.32
CA GLU A 126 2.81 10.04 22.80
C GLU A 126 3.48 11.26 23.42
N VAL A 127 3.59 12.32 22.64
CA VAL A 127 4.19 13.55 23.13
C VAL A 127 3.13 14.51 23.68
N HIS A 128 3.14 14.70 25.00
CA HIS A 128 2.17 15.53 25.69
C HIS A 128 2.53 17.01 25.52
N LYS A 129 3.64 17.43 26.12
CA LYS A 129 4.11 18.80 26.00
C LYS A 129 5.59 18.85 25.62
N LYS A 130 5.89 19.43 24.46
CA LYS A 130 7.28 19.63 24.06
C LYS A 130 7.68 21.08 24.31
N ASN A 131 8.55 21.27 25.30
CA ASN A 131 9.12 22.58 25.53
C ASN A 131 10.56 22.61 25.06
N VAL A 132 10.80 23.33 23.98
CA VAL A 132 12.13 23.44 23.41
C VAL A 132 12.94 24.46 24.22
N ARG A 133 14.04 24.02 24.81
CA ARG A 133 14.87 24.89 25.63
C ARG A 133 16.35 24.85 25.22
N GLY A 134 16.83 25.91 24.61
CA GLY A 134 18.21 25.95 24.14
C GLY A 134 18.54 24.76 23.24
N GLU A 135 19.60 24.04 23.58
CA GLU A 135 20.04 22.91 22.76
C GLU A 135 19.43 21.58 23.22
N PHE A 136 18.52 21.67 24.18
CA PHE A 136 17.85 20.49 24.72
C PHE A 136 16.37 20.47 24.34
N THR A 137 15.77 19.30 24.28
CA THR A 137 14.34 19.17 24.00
C THR A 137 13.70 18.17 24.95
N TYR A 138 12.71 18.63 25.72
CA TYR A 138 12.03 17.80 26.70
C TYR A 138 10.62 17.42 26.22
N TYR A 139 10.40 16.14 25.98
CA TYR A 139 9.07 15.67 25.59
C TYR A 139 8.38 15.00 26.77
N GLU A 140 7.27 15.59 27.25
CA GLU A 140 6.45 14.86 28.20
C GLU A 140 5.67 13.80 27.46
N ILE A 141 5.63 12.59 28.00
CA ILE A 141 4.92 11.51 27.36
C ILE A 141 3.80 11.05 28.26
N GLN A 142 2.83 10.36 27.69
CA GLN A 142 1.67 9.93 28.46
C GLN A 142 1.05 8.65 27.90
N ASP A 143 0.47 7.87 28.81
CA ASP A 143 -0.36 6.72 28.46
C ASP A 143 -1.45 6.58 29.54
N ASN A 144 -2.18 5.49 29.50
CA ASN A 144 -3.22 5.24 30.50
C ASN A 144 -2.70 5.37 31.93
N THR A 145 -1.48 4.89 32.18
CA THR A 145 -1.01 4.69 33.55
C THR A 145 -0.25 5.87 34.16
N GLY A 146 -0.04 6.93 33.38
CA GLY A 146 0.63 8.11 33.93
C GLY A 146 1.45 8.90 32.93
N LYS A 147 2.28 9.80 33.45
CA LYS A 147 3.07 10.69 32.60
C LYS A 147 4.52 10.82 33.09
N MET A 148 5.39 11.25 32.18
CA MET A 148 6.80 11.45 32.48
C MET A 148 7.49 12.25 31.38
N GLU A 149 8.81 12.43 31.53
CA GLU A 149 9.60 13.25 30.60
C GLU A 149 10.61 12.45 29.78
N VAL A 150 10.97 13.02 28.64
CA VAL A 150 12.04 12.48 27.81
C VAL A 150 12.99 13.62 27.48
N VAL A 151 14.27 13.43 27.75
CA VAL A 151 15.23 14.51 27.61
C VAL A 151 16.20 14.28 26.47
N VAL A 152 16.11 15.10 25.44
CA VAL A 152 16.94 14.93 24.26
C VAL A 152 17.99 16.02 24.14
N HIS A 153 19.16 15.68 23.59
CA HIS A 153 20.21 16.65 23.32
C HIS A 153 21.12 16.17 22.20
N GLY A 154 21.83 17.11 21.60
CA GLY A 154 22.66 16.81 20.46
C GLY A 154 21.83 16.72 19.19
N ARG A 155 22.30 15.90 18.26
CA ARG A 155 21.71 15.79 16.93
C ARG A 155 20.23 15.47 16.96
N LEU A 156 19.76 14.90 18.07
CA LEU A 156 18.37 14.48 18.18
C LEU A 156 17.41 15.64 18.45
N THR A 157 17.95 16.80 18.76
CA THR A 157 17.12 17.98 18.98
C THR A 157 16.61 18.53 17.64
N THR A 158 17.37 18.28 16.59
CA THR A 158 17.05 18.73 15.23
C THR A 158 15.78 18.07 14.69
N ILE A 159 15.27 17.08 15.41
CA ILE A 159 14.14 16.31 14.90
C ILE A 159 12.84 17.10 14.85
N ASN A 160 11.97 16.71 13.94
CA ASN A 160 10.66 17.34 13.90
C ASN A 160 9.66 16.41 14.55
N CYS A 161 9.31 16.75 15.78
CA CYS A 161 8.30 16.03 16.52
C CYS A 161 7.53 17.10 17.25
N GLU A 162 6.23 17.09 17.07
CA GLU A 162 5.39 18.13 17.65
C GLU A 162 4.38 17.50 18.59
N GLU A 163 3.81 18.32 19.45
CA GLU A 163 2.82 17.85 20.40
C GLU A 163 1.70 17.18 19.61
N GLY A 164 1.44 15.91 19.92
CA GLY A 164 0.51 15.12 19.15
C GLY A 164 1.15 14.03 18.31
N ASP A 165 2.47 14.03 18.21
CA ASP A 165 3.17 12.96 17.49
C ASP A 165 3.55 11.81 18.41
N LYS A 166 4.11 10.76 17.82
CA LYS A 166 4.56 9.60 18.59
C LYS A 166 6.08 9.45 18.51
N LEU A 167 6.66 8.84 19.53
CA LEU A 167 8.11 8.71 19.60
C LEU A 167 8.56 7.27 19.66
N LYS A 168 9.21 6.80 18.59
CA LYS A 168 9.81 5.47 18.59
C LYS A 168 11.24 5.59 19.07
N LEU A 169 11.52 5.10 20.27
CA LEU A 169 12.82 5.33 20.89
C LEU A 169 13.58 4.04 21.02
N THR A 170 14.89 4.12 20.81
CA THR A 170 15.78 2.97 20.96
C THR A 170 17.00 3.35 21.78
N CYS A 171 17.32 2.54 22.78
CA CYS A 171 18.49 2.78 23.63
C CYS A 171 18.43 4.16 24.28
N PHE A 172 17.42 4.35 25.13
CA PHE A 172 17.31 5.54 25.97
C PHE A 172 17.50 5.12 27.42
N GLU A 173 18.25 5.92 28.19
CA GLU A 173 18.56 5.55 29.56
C GLU A 173 17.58 6.08 30.61
N LEU A 174 16.88 5.18 31.29
CA LEU A 174 16.06 5.56 32.42
C LEU A 174 16.93 5.68 33.66
N ALA A 175 16.87 6.83 34.32
CA ALA A 175 17.73 7.08 35.46
C ALA A 175 16.91 7.21 36.73
N PRO A 176 17.51 6.83 37.87
CA PRO A 176 16.81 7.08 39.13
C PRO A 176 16.70 8.57 39.37
N LYS A 177 15.51 9.03 39.70
CA LYS A 177 15.28 10.45 39.99
C LYS A 177 14.35 10.56 41.19
N SER A 178 14.69 11.44 42.13
CA SER A 178 13.85 11.65 43.29
C SER A 178 12.44 12.06 42.85
N GLY A 179 11.44 11.64 43.62
CA GLY A 179 10.06 11.95 43.31
C GLY A 179 9.26 10.81 42.72
N ASN A 180 9.82 9.61 42.76
CA ASN A 180 9.14 8.42 42.23
C ASN A 180 8.64 8.62 40.81
N THR A 181 9.38 9.41 40.04
CA THR A 181 9.21 9.48 38.59
C THR A 181 10.59 9.56 37.94
N GLY A 182 10.85 8.67 36.99
CA GLY A 182 12.11 8.65 36.27
C GLY A 182 12.03 9.34 34.93
N GLU A 183 13.18 9.72 34.38
CA GLU A 183 13.24 10.37 33.08
C GLU A 183 14.05 9.53 32.11
N LEU A 184 13.81 9.72 30.82
CA LEU A 184 14.60 9.03 29.81
C LEU A 184 15.55 10.02 29.12
N ARG A 185 16.83 9.86 29.39
CA ARG A 185 17.82 10.78 28.85
C ARG A 185 18.40 10.23 27.56
N SER A 186 18.32 10.99 26.48
CA SER A 186 18.92 10.56 25.23
C SER A 186 20.38 10.23 25.50
N VAL A 187 20.86 9.15 24.88
CA VAL A 187 22.27 8.82 24.95
C VAL A 187 22.88 8.87 23.54
N ILE A 188 24.17 8.58 23.44
CA ILE A 188 24.86 8.68 22.16
C ILE A 188 24.27 7.75 21.09
N HIS A 189 23.91 6.53 21.50
CA HIS A 189 23.41 5.54 20.57
C HIS A 189 21.90 5.61 20.42
N SER A 190 21.30 6.60 21.07
CA SER A 190 19.86 6.77 20.99
C SER A 190 19.37 6.92 19.57
N HIS A 191 18.20 6.36 19.31
CA HIS A 191 17.59 6.44 18.00
C HIS A 191 16.11 6.74 18.15
N ILE A 192 15.60 7.60 17.29
CA ILE A 192 14.18 7.94 17.29
C ILE A 192 13.57 7.88 15.91
N LYS A 193 12.47 7.16 15.81
CA LYS A 193 11.55 7.31 14.70
C LYS A 193 10.34 8.08 15.21
N VAL A 194 10.15 9.30 14.69
CA VAL A 194 8.97 10.08 15.02
C VAL A 194 7.82 9.72 14.10
N ILE A 195 6.68 9.39 14.69
CA ILE A 195 5.48 9.00 13.94
C ILE A 195 4.42 10.09 14.00
N LYS A 196 4.17 10.75 12.87
CA LYS A 196 3.22 11.86 12.83
C LYS A 196 1.80 11.40 12.57
N THR A 197 0.84 12.06 13.21
CA THR A 197 -0.57 11.88 12.87
C THR A 197 -0.78 12.41 11.46
N ARG A 198 -1.74 11.83 10.75
CA ARG A 198 -1.95 12.14 9.33
C ARG A 198 -2.22 13.60 9.04
N LYS A 199 -2.90 14.29 9.96
CA LYS A 199 -3.31 15.67 9.72
C LYS A 199 -2.09 16.60 9.73
N ASN A 200 -1.07 16.21 10.51
CA ASN A 200 0.21 16.90 10.53
C ASN A 200 1.18 16.44 9.43
N ALA A 201 0.93 15.24 8.90
CA ALA A 201 1.82 14.62 7.90
C ALA A 201 1.69 15.24 6.51
N ALA A 202 2.71 15.06 5.69
CA ALA A 202 2.71 15.60 4.33
C ALA A 202 1.60 14.98 3.49
N ALA A 203 1.18 15.66 2.43
CA ALA A 203 0.05 15.19 1.63
C ALA A 203 0.20 15.50 0.14
N SER A 204 -0.57 14.78 -0.68
CA SER A 204 -0.60 14.97 -2.13
C SER A 204 -1.67 14.09 -2.77
N ASP B 4 -32.17 -14.20 -7.47
CA ASP B 4 -33.55 -14.64 -7.64
C ASP B 4 -33.67 -15.52 -8.88
N ASP B 5 -33.88 -14.87 -10.01
CA ASP B 5 -34.08 -15.55 -11.28
C ASP B 5 -32.96 -16.54 -11.54
N SER B 6 -33.33 -17.71 -12.03
CA SER B 6 -32.38 -18.79 -12.25
C SER B 6 -31.48 -18.94 -11.02
N ALA B 7 -32.08 -19.30 -9.90
CA ALA B 7 -31.34 -19.53 -8.66
C ALA B 7 -31.15 -21.03 -8.43
N GLN B 8 -29.90 -21.48 -8.42
CA GLN B 8 -29.58 -22.90 -8.25
C GLN B 8 -30.34 -23.46 -7.05
N SER B 9 -30.26 -22.74 -5.92
CA SER B 9 -31.00 -23.10 -4.72
C SER B 9 -30.52 -24.43 -4.13
N ASP B 10 -29.63 -25.13 -4.82
CA ASP B 10 -29.16 -26.43 -4.37
C ASP B 10 -28.36 -26.32 -3.08
N LEU B 11 -28.36 -27.40 -2.31
CA LEU B 11 -27.68 -27.46 -1.02
C LEU B 11 -26.22 -27.03 -1.13
N LYS B 12 -25.75 -26.26 -0.15
CA LYS B 12 -24.38 -25.73 -0.19
C LYS B 12 -23.54 -26.10 1.03
N GLU B 13 -22.24 -26.16 0.84
CA GLU B 13 -21.27 -26.33 1.91
C GLU B 13 -20.48 -25.04 2.10
N VAL B 14 -20.68 -24.37 3.22
CA VAL B 14 -20.07 -23.06 3.39
C VAL B 14 -19.57 -22.80 4.80
N MET B 15 -18.38 -22.20 4.87
CA MET B 15 -17.83 -21.70 6.12
C MET B 15 -18.34 -20.29 6.32
N VAL B 16 -18.63 -19.93 7.56
CA VAL B 16 -19.11 -18.59 7.86
C VAL B 16 -17.94 -17.61 8.10
N LEU B 17 -18.03 -16.43 7.50
CA LEU B 17 -16.95 -15.46 7.56
C LEU B 17 -17.13 -14.45 8.69
N ASN B 18 -18.10 -13.56 8.52
CA ASN B 18 -18.36 -12.49 9.46
C ASN B 18 -19.85 -12.36 9.67
N ALA B 19 -20.26 -11.93 10.85
CA ALA B 19 -21.69 -11.79 11.13
C ALA B 19 -22.02 -10.65 12.09
N THR B 20 -23.12 -9.96 11.81
CA THR B 20 -23.67 -8.96 12.71
C THR B 20 -24.39 -9.60 13.90
N GLU B 21 -24.58 -8.81 14.96
CA GLU B 21 -25.42 -9.21 16.09
C GLU B 21 -26.88 -9.20 15.69
N SER B 22 -27.72 -9.89 16.44
CA SER B 22 -29.16 -9.89 16.21
C SER B 22 -29.72 -8.48 16.40
N PHE B 23 -30.71 -8.11 15.60
CA PHE B 23 -31.35 -6.79 15.71
C PHE B 23 -32.77 -6.77 15.13
N VAL B 24 -33.55 -5.76 15.50
CA VAL B 24 -34.88 -5.57 14.94
C VAL B 24 -34.82 -4.60 13.77
N TYR B 25 -35.08 -5.13 12.56
CA TYR B 25 -35.15 -4.29 11.37
C TYR B 25 -36.58 -3.83 11.06
N GLU B 26 -37.53 -4.43 11.77
CA GLU B 26 -38.93 -4.10 11.58
C GLU B 26 -39.52 -3.85 12.95
N PRO B 27 -39.47 -2.59 13.39
CA PRO B 27 -39.89 -2.15 14.72
C PRO B 27 -41.34 -2.50 15.05
N LYS B 28 -42.25 -2.25 14.11
CA LYS B 28 -43.66 -2.47 14.37
C LYS B 28 -43.92 -3.88 14.93
N GLU B 29 -43.44 -4.88 14.21
CA GLU B 29 -43.64 -6.27 14.61
C GLU B 29 -42.51 -6.85 15.46
N GLN B 30 -41.42 -6.11 15.61
CA GLN B 30 -40.23 -6.63 16.28
C GLN B 30 -39.65 -7.83 15.54
N LYS B 31 -39.64 -7.75 14.21
CA LYS B 31 -39.01 -8.78 13.40
C LYS B 31 -37.49 -8.63 13.50
N LYS B 32 -36.84 -9.72 13.87
CA LYS B 32 -35.41 -9.69 14.17
C LYS B 32 -34.62 -10.56 13.17
N MET B 33 -33.49 -10.01 12.71
CA MET B 33 -32.65 -10.70 11.75
C MET B 33 -31.19 -10.51 12.11
N PHE B 34 -30.32 -11.25 11.45
CA PHE B 34 -28.91 -10.91 11.45
C PHE B 34 -28.33 -11.19 10.07
N HIS B 35 -27.21 -10.55 9.76
CA HIS B 35 -26.57 -10.70 8.47
C HIS B 35 -25.29 -11.52 8.63
N ALA B 36 -24.95 -12.25 7.58
CA ALA B 36 -23.72 -13.02 7.59
C ALA B 36 -23.23 -13.14 6.17
N THR B 37 -21.93 -13.34 6.02
CA THR B 37 -21.37 -13.65 4.71
C THR B 37 -20.69 -14.99 4.83
N VAL B 38 -21.03 -15.91 3.94
CA VAL B 38 -20.37 -17.21 3.93
C VAL B 38 -19.80 -17.49 2.54
N ALA B 39 -19.10 -18.61 2.42
CA ALA B 39 -18.46 -18.94 1.15
C ALA B 39 -18.34 -20.43 0.93
N THR B 40 -18.51 -20.84 -0.31
CA THR B 40 -18.13 -22.19 -0.73
C THR B 40 -16.65 -22.06 -1.06
N GLU B 41 -16.01 -23.16 -1.43
CA GLU B 41 -14.62 -23.03 -1.85
C GLU B 41 -14.60 -22.18 -3.12
N ASN B 42 -15.68 -22.27 -3.88
CA ASN B 42 -15.80 -21.55 -5.14
C ASN B 42 -16.21 -20.08 -5.09
N GLU B 43 -17.20 -19.74 -4.26
CA GLU B 43 -17.86 -18.43 -4.35
C GLU B 43 -18.40 -17.91 -3.02
N VAL B 44 -18.46 -16.58 -2.89
CA VAL B 44 -18.87 -15.92 -1.64
C VAL B 44 -20.33 -15.44 -1.67
N PHE B 45 -21.05 -15.69 -0.59
CA PHE B 45 -22.46 -15.30 -0.51
C PHE B 45 -22.81 -14.44 0.71
N ARG B 46 -23.73 -13.51 0.51
CA ARG B 46 -24.23 -12.68 1.58
C ARG B 46 -25.53 -13.30 2.08
N VAL B 47 -25.75 -13.28 3.40
CA VAL B 47 -26.78 -14.10 4.02
C VAL B 47 -27.71 -13.34 4.97
N LYS B 48 -29.01 -13.46 4.74
CA LYS B 48 -30.03 -12.85 5.60
C LYS B 48 -30.67 -13.93 6.45
N VAL B 49 -30.55 -13.82 7.77
CA VAL B 49 -31.03 -14.89 8.65
C VAL B 49 -32.19 -14.45 9.50
N PHE B 50 -33.37 -14.98 9.18
CA PHE B 50 -34.62 -14.60 9.82
C PHE B 50 -35.03 -15.52 10.96
N ASN B 51 -34.24 -16.55 11.19
CA ASN B 51 -34.37 -17.33 12.41
C ASN B 51 -33.19 -16.97 13.27
N ILE B 52 -33.42 -16.24 14.35
CA ILE B 52 -32.32 -15.61 15.08
C ILE B 52 -31.66 -16.59 16.04
N ASP B 53 -32.14 -17.83 16.03
CA ASP B 53 -31.56 -18.89 16.85
C ASP B 53 -30.29 -19.48 16.20
N LEU B 54 -30.03 -19.07 14.96
CA LEU B 54 -28.91 -19.62 14.18
C LEU B 54 -27.57 -18.88 14.33
N LYS B 55 -27.50 -17.90 15.23
CA LYS B 55 -26.27 -17.16 15.42
C LYS B 55 -25.09 -18.06 15.82
N GLU B 56 -25.34 -18.98 16.74
CA GLU B 56 -24.29 -19.88 17.17
C GLU B 56 -23.80 -20.69 15.99
N LYS B 57 -24.74 -21.20 15.19
CA LYS B 57 -24.40 -21.94 13.98
C LYS B 57 -23.47 -21.11 13.10
N PHE B 58 -23.68 -19.80 13.14
CA PHE B 58 -22.97 -18.88 12.28
C PHE B 58 -21.69 -18.30 12.89
N THR B 59 -21.31 -18.78 14.06
CA THR B 59 -20.03 -18.38 14.65
C THR B 59 -18.94 -18.60 13.61
N PRO B 60 -18.18 -17.54 13.30
CA PRO B 60 -17.21 -17.54 12.20
C PRO B 60 -16.12 -18.61 12.34
N LYS B 61 -15.58 -19.07 11.22
CA LYS B 61 -14.62 -20.15 11.23
C LYS B 61 -15.30 -21.51 11.43
N LYS B 62 -16.62 -21.52 11.32
CA LYS B 62 -17.41 -22.72 11.48
C LYS B 62 -18.00 -23.13 10.14
N ILE B 63 -17.92 -24.42 9.81
CA ILE B 63 -18.48 -24.91 8.55
C ILE B 63 -19.82 -25.58 8.78
N ILE B 64 -20.83 -25.05 8.11
CA ILE B 64 -22.19 -25.54 8.26
C ILE B 64 -22.77 -25.91 6.90
N ALA B 65 -23.81 -26.74 6.93
CA ALA B 65 -24.53 -27.13 5.73
C ALA B 65 -25.82 -26.34 5.64
N ILE B 66 -26.14 -25.91 4.43
CA ILE B 66 -27.27 -25.03 4.20
C ILE B 66 -28.11 -25.43 3.00
N ALA B 67 -29.41 -25.64 3.25
CA ALA B 67 -30.34 -26.05 2.22
C ALA B 67 -31.75 -25.64 2.61
N ASN B 68 -32.65 -25.58 1.62
CA ASN B 68 -34.00 -25.05 1.80
C ASN B 68 -33.99 -23.56 2.20
N TYR B 69 -33.22 -22.80 1.43
CA TYR B 69 -33.01 -21.39 1.67
C TYR B 69 -33.58 -20.66 0.47
N VAL B 70 -33.91 -19.39 0.64
CA VAL B 70 -34.50 -18.63 -0.45
C VAL B 70 -33.46 -17.77 -1.14
N CYS B 71 -33.56 -17.65 -2.45
CA CYS B 71 -32.72 -16.71 -3.17
C CYS B 71 -33.51 -15.46 -3.50
N ARG B 72 -33.18 -14.36 -2.84
CA ARG B 72 -33.82 -13.09 -3.12
C ARG B 72 -32.82 -11.95 -3.16
N ASN B 73 -32.74 -11.28 -4.30
CA ASN B 73 -31.90 -10.10 -4.47
C ASN B 73 -30.40 -10.36 -4.32
N GLY B 74 -29.96 -11.54 -4.75
CA GLY B 74 -28.54 -11.87 -4.69
C GLY B 74 -28.13 -12.34 -3.32
N PHE B 75 -29.12 -12.58 -2.46
CA PHE B 75 -28.89 -13.03 -1.10
C PHE B 75 -29.45 -14.41 -0.94
N LEU B 76 -28.93 -15.13 0.04
CA LEU B 76 -29.57 -16.36 0.47
C LEU B 76 -30.37 -16.03 1.70
N GLU B 77 -31.64 -16.40 1.72
CA GLU B 77 -32.49 -16.08 2.85
C GLU B 77 -32.80 -17.32 3.66
N VAL B 78 -32.52 -17.26 4.95
CA VAL B 78 -32.59 -18.43 5.81
C VAL B 78 -33.76 -18.27 6.77
N TYR B 79 -34.66 -19.24 6.78
CA TYR B 79 -35.83 -19.14 7.64
C TYR B 79 -35.90 -20.29 8.64
N PRO B 80 -36.89 -20.25 9.53
CA PRO B 80 -36.98 -21.30 10.54
C PRO B 80 -37.08 -22.68 9.88
N PHE B 81 -37.54 -22.71 8.64
CA PHE B 81 -37.70 -23.95 7.92
C PHE B 81 -36.43 -24.30 7.17
N THR B 82 -35.49 -23.37 7.14
CA THR B 82 -34.24 -23.56 6.43
C THR B 82 -33.29 -24.46 7.23
N LEU B 83 -32.66 -25.39 6.53
CA LEU B 83 -31.77 -26.36 7.16
C LEU B 83 -30.35 -25.82 7.31
N VAL B 84 -29.89 -25.76 8.56
CA VAL B 84 -28.54 -25.34 8.86
C VAL B 84 -27.99 -26.34 9.84
N ALA B 85 -26.89 -26.98 9.49
CA ALA B 85 -26.35 -28.01 10.35
C ALA B 85 -24.84 -28.09 10.26
N ASP B 86 -24.22 -28.70 11.26
CA ASP B 86 -22.77 -28.78 11.37
C ASP B 86 -22.22 -29.85 10.43
N VAL B 87 -21.20 -29.49 9.67
CA VAL B 87 -20.53 -30.41 8.76
C VAL B 87 -19.33 -31.01 9.46
N ASN B 88 -19.02 -32.27 9.16
CA ASN B 88 -18.02 -33.01 9.93
C ASN B 88 -16.59 -32.51 9.69
N ALA B 89 -15.63 -33.15 10.36
CA ALA B 89 -14.23 -32.73 10.31
C ALA B 89 -13.48 -33.35 9.14
N ASP B 90 -14.19 -34.12 8.33
CA ASP B 90 -13.60 -34.82 7.19
C ASP B 90 -13.13 -33.85 6.11
N ARG B 91 -14.01 -32.96 5.68
CA ARG B 91 -13.71 -32.03 4.60
C ARG B 91 -12.37 -31.33 4.78
N ASN B 92 -12.28 -30.46 5.78
CA ASN B 92 -11.13 -29.59 5.96
C ASN B 92 -11.00 -28.65 4.75
N MET B 93 -12.11 -28.03 4.37
CA MET B 93 -12.13 -27.19 3.17
C MET B 93 -11.23 -25.97 3.32
N GLU B 94 -10.40 -25.74 2.32
CA GLU B 94 -9.52 -24.57 2.30
C GLU B 94 -10.05 -23.53 1.33
N ILE B 95 -10.51 -22.41 1.87
CA ILE B 95 -11.11 -21.35 1.07
C ILE B 95 -10.06 -20.33 0.66
N PRO B 96 -9.98 -20.03 -0.66
CA PRO B 96 -9.01 -19.09 -1.23
C PRO B 96 -8.99 -17.69 -0.57
N LYS B 97 -7.78 -17.26 -0.23
CA LYS B 97 -7.55 -16.00 0.48
C LYS B 97 -8.03 -14.79 -0.31
N GLY B 98 -7.98 -14.88 -1.63
CA GLY B 98 -8.34 -13.77 -2.49
C GLY B 98 -9.80 -13.39 -2.34
N LEU B 99 -10.63 -14.40 -2.14
CA LEU B 99 -12.08 -14.19 -1.97
C LEU B 99 -12.46 -13.69 -0.58
N ILE B 100 -11.88 -14.31 0.44
CA ILE B 100 -12.15 -13.92 1.82
C ILE B 100 -11.87 -12.44 2.00
N ARG B 101 -10.96 -11.93 1.18
CA ARG B 101 -10.61 -10.52 1.17
C ARG B 101 -11.61 -9.67 0.39
N SER B 102 -12.05 -10.17 -0.77
CA SER B 102 -12.94 -9.42 -1.66
C SER B 102 -14.32 -9.23 -1.04
N ALA B 103 -14.73 -10.20 -0.23
CA ALA B 103 -16.00 -10.13 0.46
C ALA B 103 -15.93 -9.10 1.58
N SER B 104 -14.73 -8.85 2.05
CA SER B 104 -14.50 -7.87 3.12
C SER B 104 -14.06 -6.50 2.60
N VAL B 105 -13.91 -6.38 1.28
CA VAL B 105 -13.46 -5.11 0.68
C VAL B 105 -14.58 -4.08 0.56
N THR B 106 -14.23 -2.81 0.77
CA THR B 106 -15.18 -1.71 0.62
C THR B 106 -15.10 -1.08 -0.75
N PRO B 107 -16.23 -0.97 -1.44
CA PRO B 107 -16.24 -0.40 -2.79
C PRO B 107 -15.84 1.06 -2.77
N LYS B 108 -14.97 1.47 -3.68
CA LYS B 108 -14.58 2.87 -3.80
C LYS B 108 -15.78 3.73 -4.20
N ILE B 109 -15.81 4.96 -3.73
CA ILE B 109 -16.93 5.86 -4.01
C ILE B 109 -17.15 6.13 -5.51
N ASN B 110 -16.10 6.58 -6.19
CA ASN B 110 -16.21 6.90 -7.62
C ASN B 110 -16.71 5.74 -8.48
N GLN B 111 -16.52 4.52 -7.99
CA GLN B 111 -17.08 3.34 -8.64
C GLN B 111 -18.59 3.35 -8.48
N LEU B 112 -19.02 3.47 -7.23
CA LEU B 112 -20.43 3.46 -6.89
C LEU B 112 -21.17 4.58 -7.60
N CYS B 113 -20.51 5.74 -7.73
CA CYS B 113 -21.07 6.88 -8.44
C CYS B 113 -21.25 6.55 -9.92
N SER B 114 -20.16 6.12 -10.56
CA SER B 114 -20.15 5.84 -11.99
C SER B 114 -21.04 4.65 -12.32
N GLN B 115 -21.50 3.96 -11.29
CA GLN B 115 -22.31 2.76 -11.46
C GLN B 115 -23.70 3.07 -12.01
N THR B 116 -24.02 2.45 -13.14
CA THR B 116 -25.30 2.67 -13.83
C THR B 116 -26.33 1.62 -13.47
N LYS B 117 -25.93 0.66 -12.65
CA LYS B 117 -26.80 -0.45 -12.30
C LYS B 117 -27.10 -0.46 -10.80
N GLY B 118 -28.28 -0.93 -10.42
CA GLY B 118 -28.63 -1.02 -9.02
C GLY B 118 -28.04 -2.25 -8.36
N SER B 119 -27.68 -2.15 -7.09
CA SER B 119 -27.16 -3.29 -6.34
C SER B 119 -27.22 -3.06 -4.83
N PHE B 120 -26.66 -3.98 -4.06
CA PHE B 120 -26.66 -3.87 -2.60
C PHE B 120 -25.25 -3.96 -2.02
N VAL B 121 -24.92 -3.02 -1.12
CA VAL B 121 -23.54 -2.78 -0.73
C VAL B 121 -23.22 -2.94 0.75
N ASN B 122 -22.07 -3.55 1.02
CA ASN B 122 -21.45 -3.52 2.34
C ASN B 122 -20.15 -2.73 2.19
N GLY B 123 -19.72 -2.07 3.25
CA GLY B 123 -18.44 -1.41 3.24
C GLY B 123 -18.34 -0.48 4.41
N VAL B 124 -17.14 0.01 4.67
CA VAL B 124 -16.93 1.05 5.66
C VAL B 124 -16.78 2.40 4.95
N PHE B 125 -17.39 3.43 5.51
CA PHE B 125 -17.35 4.75 4.88
C PHE B 125 -17.15 5.87 5.91
N GLU B 126 -16.37 6.87 5.54
CA GLU B 126 -16.15 8.01 6.40
C GLU B 126 -17.24 9.05 6.19
N VAL B 127 -17.79 9.55 7.29
CA VAL B 127 -18.87 10.53 7.22
C VAL B 127 -18.29 11.94 7.25
N HIS B 128 -18.43 12.63 6.12
CA HIS B 128 -17.89 13.96 5.92
C HIS B 128 -18.89 14.98 6.45
N LYS B 129 -20.07 15.04 5.83
CA LYS B 129 -21.16 15.86 6.30
C LYS B 129 -22.34 15.01 6.78
N LYS B 130 -22.98 15.45 7.85
CA LYS B 130 -24.24 14.87 8.30
C LYS B 130 -25.31 15.93 8.28
N ASN B 131 -26.31 15.73 7.42
CA ASN B 131 -27.44 16.64 7.33
CA ASN B 131 -27.44 16.65 7.34
C ASN B 131 -28.73 15.95 7.78
N VAL B 132 -29.26 16.37 8.92
CA VAL B 132 -30.47 15.77 9.48
C VAL B 132 -31.71 16.52 9.02
N ARG B 133 -32.55 15.86 8.22
CA ARG B 133 -33.80 16.45 7.78
C ARG B 133 -34.98 15.53 8.06
N GLY B 134 -35.87 15.94 8.97
CA GLY B 134 -37.07 15.17 9.23
C GLY B 134 -36.75 13.71 9.50
N GLU B 135 -37.43 12.82 8.78
CA GLU B 135 -37.24 11.38 8.96
C GLU B 135 -36.18 10.79 8.04
N PHE B 136 -35.53 11.64 7.25
CA PHE B 136 -34.47 11.18 6.36
C PHE B 136 -33.16 11.94 6.62
N THR B 137 -32.15 11.22 7.12
CA THR B 137 -30.86 11.82 7.44
C THR B 137 -29.87 11.49 6.33
N TYR B 138 -29.18 12.51 5.83
CA TYR B 138 -28.21 12.34 4.75
C TYR B 138 -26.79 12.33 5.31
N TYR B 139 -26.00 11.33 4.94
CA TYR B 139 -24.60 11.28 5.36
C TYR B 139 -23.71 11.38 4.14
N GLU B 140 -22.99 12.48 3.98
CA GLU B 140 -22.01 12.55 2.89
C GLU B 140 -20.75 11.79 3.27
N ILE B 141 -20.37 10.83 2.46
CA ILE B 141 -19.23 9.97 2.75
C ILE B 141 -18.12 10.29 1.79
N GLN B 142 -16.88 10.07 2.22
CA GLN B 142 -15.74 10.49 1.43
C GLN B 142 -14.61 9.47 1.42
N ASP B 143 -13.76 9.57 0.40
CA ASP B 143 -12.53 8.80 0.31
C ASP B 143 -11.54 9.56 -0.57
N ASN B 144 -10.41 8.92 -0.88
CA ASN B 144 -9.41 9.56 -1.72
C ASN B 144 -9.89 9.76 -3.16
N THR B 145 -10.80 8.90 -3.60
CA THR B 145 -11.27 8.95 -4.98
C THR B 145 -12.49 9.86 -5.18
N GLY B 146 -13.05 10.34 -4.08
CA GLY B 146 -14.21 11.23 -4.16
C GLY B 146 -15.16 11.12 -2.98
N LYS B 147 -16.36 11.66 -3.15
CA LYS B 147 -17.34 11.70 -2.08
C LYS B 147 -18.74 11.43 -2.63
N MET B 148 -19.64 10.94 -1.78
CA MET B 148 -21.01 10.63 -2.20
C MET B 148 -22.01 10.74 -1.06
N GLU B 149 -23.28 10.44 -1.36
CA GLU B 149 -24.37 10.63 -0.41
C GLU B 149 -24.98 9.32 0.08
N VAL B 150 -25.39 9.30 1.35
CA VAL B 150 -26.08 8.16 1.92
C VAL B 150 -27.31 8.63 2.66
N VAL B 151 -28.49 8.20 2.20
CA VAL B 151 -29.72 8.65 2.83
C VAL B 151 -30.23 7.58 3.77
N VAL B 152 -30.51 8.00 5.00
CA VAL B 152 -30.96 7.08 6.03
C VAL B 152 -32.40 7.37 6.42
N HIS B 153 -33.21 6.33 6.48
CA HIS B 153 -34.59 6.48 6.95
C HIS B 153 -35.11 5.18 7.51
N GLY B 154 -36.21 5.28 8.25
CA GLY B 154 -36.68 4.15 9.00
C GLY B 154 -35.96 4.14 10.34
N ARG B 155 -35.89 2.98 10.96
CA ARG B 155 -35.34 2.87 12.30
C ARG B 155 -33.93 3.41 12.38
N LEU B 156 -33.21 3.39 11.26
CA LEU B 156 -31.79 3.74 11.25
C LEU B 156 -31.50 5.22 11.49
N THR B 157 -32.54 6.04 11.52
CA THR B 157 -32.37 7.46 11.75
C THR B 157 -31.94 7.78 13.19
N THR B 158 -32.22 6.85 14.10
CA THR B 158 -32.09 7.10 15.54
C THR B 158 -30.68 6.91 16.07
N ILE B 159 -29.74 6.53 15.21
CA ILE B 159 -28.41 6.16 15.68
C ILE B 159 -27.56 7.38 16.01
N ASN B 160 -26.37 7.14 16.54
CA ASN B 160 -25.45 8.23 16.77
C ASN B 160 -24.23 8.10 15.89
N CYS B 161 -24.19 8.97 14.88
CA CYS B 161 -23.06 9.06 13.99
C CYS B 161 -22.86 10.54 13.76
N GLU B 162 -21.63 10.99 13.99
CA GLU B 162 -21.31 12.40 13.93
C GLU B 162 -20.39 12.59 12.74
N GLU B 163 -20.39 13.80 12.20
CA GLU B 163 -19.46 14.14 11.15
C GLU B 163 -18.07 13.86 11.70
N GLY B 164 -17.31 13.03 10.98
CA GLY B 164 -16.02 12.59 11.47
C GLY B 164 -16.05 11.19 12.05
N ASP B 165 -17.21 10.53 11.95
CA ASP B 165 -17.29 9.12 12.29
C ASP B 165 -17.36 8.27 11.04
N LYS B 166 -17.36 6.95 11.22
CA LYS B 166 -17.40 6.03 10.10
C LYS B 166 -18.61 5.11 10.17
N LEU B 167 -19.18 4.81 9.00
CA LEU B 167 -20.34 3.94 8.93
C LEU B 167 -19.87 2.61 8.39
N LYS B 168 -20.14 1.55 9.13
CA LYS B 168 -19.93 0.19 8.64
C LYS B 168 -21.25 -0.28 8.03
N LEU B 169 -21.36 -0.22 6.71
CA LEU B 169 -22.62 -0.43 6.04
C LEU B 169 -22.81 -1.90 5.74
N THR B 170 -24.04 -2.35 5.93
CA THR B 170 -24.40 -3.71 5.61
C THR B 170 -25.74 -3.68 4.86
N CYS B 171 -25.74 -4.18 3.62
CA CYS B 171 -26.96 -4.27 2.80
C CYS B 171 -27.72 -2.94 2.59
N PHE B 172 -27.11 -2.04 1.84
CA PHE B 172 -27.76 -0.79 1.43
C PHE B 172 -27.89 -0.77 -0.09
N GLU B 173 -29.02 -0.30 -0.61
CA GLU B 173 -29.19 -0.28 -2.06
C GLU B 173 -28.45 0.87 -2.73
N LEU B 174 -27.89 0.60 -3.91
CA LEU B 174 -27.40 1.66 -4.79
C LEU B 174 -28.39 1.82 -5.94
N ALA B 175 -28.83 3.05 -6.16
CA ALA B 175 -29.85 3.31 -7.18
C ALA B 175 -29.30 4.25 -8.24
N PRO B 176 -29.73 4.06 -9.50
CA PRO B 176 -29.28 4.95 -10.56
C PRO B 176 -29.73 6.38 -10.29
N LYS B 177 -28.80 7.32 -10.38
CA LYS B 177 -29.10 8.72 -10.14
C LYS B 177 -28.35 9.55 -11.18
N SER B 178 -29.07 10.49 -11.81
CA SER B 178 -28.47 11.34 -12.84
C SER B 178 -27.26 12.09 -12.29
N GLY B 179 -26.30 12.35 -13.18
CA GLY B 179 -25.09 13.08 -12.81
C GLY B 179 -23.85 12.22 -12.64
N ASN B 180 -23.96 10.94 -13.02
CA ASN B 180 -22.86 10.01 -12.84
C ASN B 180 -22.44 9.94 -11.38
N THR B 181 -23.38 10.24 -10.51
CA THR B 181 -23.22 10.06 -9.08
C THR B 181 -24.48 9.42 -8.50
N GLY B 182 -24.32 8.24 -7.89
CA GLY B 182 -25.43 7.50 -7.33
C GLY B 182 -25.67 7.74 -5.85
N GLU B 183 -26.87 7.44 -5.39
CA GLU B 183 -27.26 7.66 -3.99
C GLU B 183 -27.63 6.35 -3.29
N LEU B 184 -27.07 6.15 -2.10
CA LEU B 184 -27.33 4.93 -1.33
C LEU B 184 -28.50 5.09 -0.36
N ARG B 185 -29.36 4.08 -0.31
CA ARG B 185 -30.63 4.21 0.38
C ARG B 185 -30.81 3.17 1.48
N SER B 186 -31.29 3.62 2.64
CA SER B 186 -31.59 2.73 3.75
C SER B 186 -32.80 1.87 3.42
N VAL B 187 -32.64 0.55 3.49
CA VAL B 187 -33.73 -0.36 3.17
C VAL B 187 -34.14 -1.23 4.35
N ILE B 188 -35.13 -2.09 4.11
CA ILE B 188 -35.72 -2.91 5.16
C ILE B 188 -34.69 -3.67 5.99
N HIS B 189 -33.77 -4.35 5.32
CA HIS B 189 -32.81 -5.21 6.00
C HIS B 189 -31.49 -4.50 6.29
N SER B 190 -31.38 -3.25 5.88
CA SER B 190 -30.17 -2.48 6.09
C SER B 190 -29.78 -2.46 7.57
N HIS B 191 -28.48 -2.54 7.82
CA HIS B 191 -27.96 -2.46 9.19
C HIS B 191 -26.71 -1.59 9.17
N ILE B 192 -26.53 -0.81 10.23
CA ILE B 192 -25.40 0.09 10.33
C ILE B 192 -24.65 -0.05 11.64
N LYS B 193 -23.39 -0.43 11.54
CA LYS B 193 -22.50 -0.32 12.69
C LYS B 193 -21.68 0.95 12.57
N VAL B 194 -21.79 1.80 13.59
CA VAL B 194 -21.05 3.05 13.65
C VAL B 194 -19.70 2.89 14.35
N ILE B 195 -18.65 3.38 13.71
CA ILE B 195 -17.34 3.42 14.32
C ILE B 195 -17.02 4.86 14.73
N LYS B 196 -17.01 5.11 16.03
CA LYS B 196 -16.74 6.46 16.53
C LYS B 196 -15.28 6.62 16.89
N THR B 197 -14.69 7.72 16.43
CA THR B 197 -13.30 8.02 16.73
C THR B 197 -13.16 8.26 18.23
N ARG B 198 -11.96 8.02 18.77
CA ARG B 198 -11.74 7.98 20.22
C ARG B 198 -12.14 9.26 20.95
N LYS B 199 -12.11 10.39 20.25
CA LYS B 199 -12.49 11.66 20.86
C LYS B 199 -14.00 11.78 21.08
N ASN B 200 -14.77 11.17 20.19
CA ASN B 200 -16.24 11.19 20.27
C ASN B 200 -16.82 10.18 21.28
N ALA B 201 -16.14 9.06 21.45
CA ALA B 201 -16.60 7.96 22.30
C ALA B 201 -16.48 8.25 23.79
N ALA B 202 -17.27 7.55 24.60
CA ALA B 202 -17.27 7.74 26.05
C ALA B 202 -15.94 7.29 26.64
N ALA B 203 -15.61 7.78 27.82
CA ALA B 203 -14.29 7.53 28.39
C ALA B 203 -14.34 7.09 29.87
N SER B 204 -13.51 6.09 30.20
CA SER B 204 -13.56 5.45 31.51
C SER B 204 -12.21 5.40 32.21
N SER C 6 -17.17 -28.55 -19.23
CA SER C 6 -18.48 -27.93 -19.12
C SER C 6 -18.40 -26.42 -19.30
N ALA C 7 -18.26 -25.98 -20.54
CA ALA C 7 -18.26 -24.56 -20.84
C ALA C 7 -19.43 -24.18 -21.74
N GLN C 8 -19.81 -22.91 -21.71
CA GLN C 8 -21.06 -22.44 -22.30
C GLN C 8 -21.35 -22.97 -23.72
N SER C 9 -20.54 -22.53 -24.68
CA SER C 9 -20.69 -22.92 -26.09
C SER C 9 -21.76 -22.10 -26.84
N ASP C 10 -22.58 -21.39 -26.09
CA ASP C 10 -23.55 -20.47 -26.66
C ASP C 10 -22.84 -19.19 -27.12
N LEU C 11 -23.46 -18.46 -28.04
CA LEU C 11 -22.83 -17.25 -28.57
C LEU C 11 -22.37 -16.30 -27.47
N LYS C 12 -21.19 -15.73 -27.66
CA LYS C 12 -20.68 -14.73 -26.75
C LYS C 12 -20.48 -13.40 -27.46
N GLU C 13 -20.97 -12.34 -26.83
CA GLU C 13 -20.59 -10.98 -27.15
C GLU C 13 -19.48 -10.60 -26.20
N VAL C 14 -18.29 -10.35 -26.74
CA VAL C 14 -17.14 -10.07 -25.92
C VAL C 14 -16.41 -8.89 -26.51
N MET C 15 -15.54 -8.28 -25.72
CA MET C 15 -14.62 -7.30 -26.26
C MET C 15 -13.20 -7.82 -26.20
N VAL C 16 -12.42 -7.51 -27.22
CA VAL C 16 -11.05 -7.97 -27.29
C VAL C 16 -10.13 -7.15 -26.42
N LEU C 17 -9.45 -7.84 -25.51
CA LEU C 17 -8.52 -7.19 -24.61
C LEU C 17 -7.11 -7.21 -25.19
N ASN C 18 -6.57 -8.42 -25.37
CA ASN C 18 -5.22 -8.61 -25.87
C ASN C 18 -5.11 -9.82 -26.80
N ALA C 19 -4.00 -9.92 -27.52
CA ALA C 19 -3.76 -11.05 -28.41
C ALA C 19 -2.26 -11.19 -28.65
N THR C 20 -1.84 -12.32 -29.18
CA THR C 20 -0.46 -12.41 -29.61
C THR C 20 -0.41 -12.26 -31.12
N GLU C 21 0.80 -12.19 -31.66
CA GLU C 21 1.00 -12.26 -33.09
C GLU C 21 0.66 -13.69 -33.45
N SER C 22 0.42 -13.95 -34.72
CA SER C 22 0.28 -15.33 -35.16
C SER C 22 1.66 -15.96 -35.20
N PHE C 23 1.72 -17.24 -34.84
CA PHE C 23 2.96 -18.00 -34.87
C PHE C 23 2.70 -19.42 -35.38
N VAL C 24 3.76 -20.16 -35.70
CA VAL C 24 3.63 -21.56 -36.10
C VAL C 24 3.86 -22.43 -34.87
N TYR C 25 2.80 -23.08 -34.38
CA TYR C 25 2.93 -23.93 -33.20
C TYR C 25 3.28 -25.38 -33.56
N GLU C 26 3.08 -25.73 -34.82
CA GLU C 26 3.46 -27.04 -35.31
C GLU C 26 4.15 -26.91 -36.66
N PRO C 27 5.49 -26.78 -36.66
CA PRO C 27 6.26 -26.49 -37.87
C PRO C 27 6.25 -27.59 -38.94
N LYS C 28 5.96 -28.84 -38.56
CA LYS C 28 5.92 -29.92 -39.55
C LYS C 28 4.88 -29.64 -40.63
N GLU C 29 3.64 -29.39 -40.21
CA GLU C 29 2.58 -29.01 -41.15
C GLU C 29 2.48 -27.49 -41.23
N GLN C 30 3.35 -26.80 -40.52
CA GLN C 30 3.31 -25.35 -40.42
C GLN C 30 1.93 -24.89 -40.01
N LYS C 31 1.43 -25.45 -38.92
CA LYS C 31 0.14 -25.06 -38.38
C LYS C 31 0.30 -23.73 -37.64
N LYS C 32 -0.62 -22.80 -37.86
CA LYS C 32 -0.51 -21.47 -37.28
C LYS C 32 -1.67 -21.11 -36.36
N MET C 33 -1.41 -20.27 -35.38
CA MET C 33 -2.42 -19.86 -34.41
C MET C 33 -2.04 -18.54 -33.76
N PHE C 34 -3.01 -17.90 -33.10
CA PHE C 34 -2.65 -16.87 -32.12
C PHE C 34 -3.46 -17.01 -30.84
N HIS C 35 -3.03 -16.33 -29.80
CA HIS C 35 -3.75 -16.34 -28.54
C HIS C 35 -4.44 -15.00 -28.43
N ALA C 36 -5.58 -14.99 -27.75
CA ALA C 36 -6.24 -13.73 -27.47
C ALA C 36 -6.91 -13.84 -26.13
N THR C 37 -7.13 -12.70 -25.48
CA THR C 37 -8.00 -12.67 -24.32
C THR C 37 -9.20 -11.76 -24.61
N VAL C 38 -10.39 -12.31 -24.42
CA VAL C 38 -11.62 -11.57 -24.67
C VAL C 38 -12.37 -11.49 -23.35
N ALA C 39 -13.28 -10.53 -23.24
CA ALA C 39 -14.04 -10.39 -22.01
C ALA C 39 -15.45 -9.84 -22.23
N THR C 40 -16.40 -10.42 -21.51
CA THR C 40 -17.78 -9.93 -21.49
C THR C 40 -17.98 -9.02 -20.28
N GLU C 41 -19.23 -8.65 -20.01
CA GLU C 41 -19.55 -7.90 -18.81
C GLU C 41 -19.05 -8.63 -17.57
N ASN C 42 -19.48 -9.87 -17.42
CA ASN C 42 -19.23 -10.63 -16.20
C ASN C 42 -18.08 -11.64 -16.17
N GLU C 43 -17.35 -11.83 -17.27
CA GLU C 43 -16.11 -12.62 -17.17
C GLU C 43 -15.13 -12.61 -18.36
N VAL C 44 -14.01 -13.30 -18.14
CA VAL C 44 -12.89 -13.35 -19.08
C VAL C 44 -12.65 -14.76 -19.58
N PHE C 45 -12.16 -14.87 -20.82
CA PHE C 45 -11.88 -16.17 -21.43
C PHE C 45 -10.54 -16.20 -22.15
N ARG C 46 -9.84 -17.32 -22.05
CA ARG C 46 -8.65 -17.52 -22.86
C ARG C 46 -9.09 -18.13 -24.17
N VAL C 47 -8.70 -17.51 -25.27
CA VAL C 47 -9.12 -17.92 -26.60
C VAL C 47 -7.94 -18.47 -27.38
N LYS C 48 -8.20 -19.49 -28.21
CA LYS C 48 -7.21 -19.99 -29.15
C LYS C 48 -7.78 -19.84 -30.54
N VAL C 49 -7.10 -19.10 -31.42
CA VAL C 49 -7.63 -18.82 -32.75
C VAL C 49 -6.85 -19.51 -33.88
N PHE C 50 -7.49 -20.50 -34.51
CA PHE C 50 -6.81 -21.32 -35.52
C PHE C 50 -7.01 -20.92 -36.99
N ASN C 51 -7.82 -19.88 -37.21
CA ASN C 51 -7.82 -19.21 -38.51
C ASN C 51 -7.12 -17.87 -38.33
N ILE C 52 -5.89 -17.77 -38.83
CA ILE C 52 -5.07 -16.59 -38.55
C ILE C 52 -5.57 -15.37 -39.28
N ASP C 53 -6.41 -15.58 -40.29
CA ASP C 53 -6.98 -14.47 -41.05
C ASP C 53 -7.88 -13.60 -40.16
N LEU C 54 -8.14 -14.08 -38.96
CA LEU C 54 -9.03 -13.41 -38.04
C LEU C 54 -8.32 -12.38 -37.18
N LYS C 55 -7.00 -12.28 -37.31
CA LYS C 55 -6.23 -11.37 -36.48
C LYS C 55 -6.78 -9.95 -36.55
N GLU C 56 -7.22 -9.54 -37.73
CA GLU C 56 -7.87 -8.25 -37.90
C GLU C 56 -9.01 -8.07 -36.89
N LYS C 57 -9.94 -9.02 -36.87
CA LYS C 57 -11.12 -8.98 -36.00
C LYS C 57 -10.74 -8.85 -34.51
N PHE C 58 -9.54 -9.29 -34.19
CA PHE C 58 -9.11 -9.42 -32.81
C PHE C 58 -8.41 -8.19 -32.22
N THR C 59 -8.44 -7.09 -32.95
CA THR C 59 -7.90 -5.84 -32.44
C THR C 59 -8.46 -5.57 -31.03
N PRO C 60 -7.58 -5.22 -30.09
CA PRO C 60 -8.05 -4.85 -28.76
C PRO C 60 -9.02 -3.67 -28.82
N LYS C 61 -9.85 -3.50 -27.80
CA LYS C 61 -10.81 -2.42 -27.80
C LYS C 61 -11.82 -2.56 -28.93
N LYS C 62 -12.05 -3.79 -29.38
CA LYS C 62 -13.06 -4.05 -30.38
C LYS C 62 -14.05 -5.06 -29.84
N ILE C 63 -15.31 -4.93 -30.25
CA ILE C 63 -16.34 -5.82 -29.77
C ILE C 63 -16.80 -6.74 -30.90
N ILE C 64 -16.74 -8.04 -30.63
CA ILE C 64 -17.03 -9.05 -31.62
C ILE C 64 -17.96 -10.10 -31.00
N ALA C 65 -18.69 -10.81 -31.85
CA ALA C 65 -19.50 -11.94 -31.40
C ALA C 65 -18.85 -13.26 -31.79
N ILE C 66 -18.95 -14.24 -30.89
CA ILE C 66 -18.40 -15.57 -31.17
C ILE C 66 -19.40 -16.66 -30.86
N ALA C 67 -19.49 -17.64 -31.76
CA ALA C 67 -20.35 -18.77 -31.50
C ALA C 67 -19.84 -19.96 -32.31
N ASN C 68 -20.28 -21.15 -31.92
CA ASN C 68 -19.82 -22.37 -32.57
C ASN C 68 -18.32 -22.55 -32.44
N TYR C 69 -17.85 -22.32 -31.23
CA TYR C 69 -16.46 -22.53 -30.86
C TYR C 69 -16.41 -23.81 -30.06
N VAL C 70 -15.22 -24.23 -29.67
CA VAL C 70 -15.07 -25.40 -28.83
C VAL C 70 -14.43 -24.99 -27.53
N CYS C 71 -14.97 -25.45 -26.41
CA CYS C 71 -14.36 -25.14 -25.15
C CYS C 71 -13.55 -26.34 -24.67
N ARG C 72 -12.22 -26.20 -24.68
CA ARG C 72 -11.34 -27.27 -24.25
C ARG C 72 -10.23 -26.70 -23.40
N ASN C 73 -10.03 -27.30 -22.23
CA ASN C 73 -8.96 -26.89 -21.32
C ASN C 73 -9.03 -25.44 -20.86
N GLY C 74 -10.25 -24.93 -20.70
CA GLY C 74 -10.45 -23.56 -20.24
C GLY C 74 -10.35 -22.53 -21.34
N PHE C 75 -10.01 -23.01 -22.54
CA PHE C 75 -9.85 -22.12 -23.69
C PHE C 75 -11.04 -22.22 -24.62
N LEU C 76 -11.36 -21.10 -25.25
CA LEU C 76 -12.30 -21.12 -26.34
C LEU C 76 -11.50 -21.38 -27.59
N GLU C 77 -11.89 -22.42 -28.32
CA GLU C 77 -11.18 -22.79 -29.53
C GLU C 77 -11.94 -22.23 -30.74
N VAL C 78 -11.27 -21.37 -31.50
CA VAL C 78 -11.86 -20.71 -32.66
C VAL C 78 -11.31 -21.30 -33.94
N TYR C 79 -12.16 -22.01 -34.69
CA TYR C 79 -11.74 -22.64 -35.94
C TYR C 79 -12.23 -21.90 -37.19
N PRO C 80 -11.81 -22.35 -38.39
CA PRO C 80 -12.24 -21.69 -39.62
C PRO C 80 -13.76 -21.73 -39.75
N PHE C 81 -14.37 -22.73 -39.14
CA PHE C 81 -15.81 -22.86 -39.20
C PHE C 81 -16.51 -22.03 -38.12
N THR C 82 -15.74 -21.60 -37.12
CA THR C 82 -16.29 -20.79 -36.03
C THR C 82 -16.82 -19.44 -36.53
N LEU C 83 -17.88 -18.96 -35.91
CA LEU C 83 -18.48 -17.69 -36.28
C LEU C 83 -17.82 -16.54 -35.55
N VAL C 84 -17.25 -15.62 -36.33
CA VAL C 84 -16.62 -14.43 -35.79
C VAL C 84 -17.06 -13.24 -36.63
N ALA C 85 -17.71 -12.27 -36.00
CA ALA C 85 -18.20 -11.12 -36.74
C ALA C 85 -18.28 -9.88 -35.86
N ASP C 86 -18.25 -8.71 -36.50
CA ASP C 86 -18.21 -7.44 -35.80
C ASP C 86 -19.49 -7.19 -35.01
N VAL C 87 -19.39 -6.34 -33.98
CA VAL C 87 -20.54 -6.08 -33.10
C VAL C 87 -21.26 -4.77 -33.43
N ASN C 88 -22.58 -4.79 -33.30
CA ASN C 88 -23.44 -3.65 -33.59
C ASN C 88 -22.93 -2.39 -32.90
N ALA C 89 -22.96 -1.28 -33.61
CA ALA C 89 -22.50 -0.02 -33.06
C ALA C 89 -23.32 0.36 -31.83
N ASP C 90 -24.41 -0.39 -31.60
CA ASP C 90 -25.34 -0.11 -30.51
C ASP C 90 -24.91 -0.65 -29.13
N ARG C 91 -24.01 -1.63 -29.12
CA ARG C 91 -23.72 -2.39 -27.90
C ARG C 91 -23.36 -1.53 -26.68
N ASN C 92 -22.17 -0.94 -26.68
CA ASN C 92 -21.74 -0.10 -25.55
C ASN C 92 -21.74 -0.86 -24.23
N MET C 93 -20.77 -1.76 -24.06
CA MET C 93 -20.68 -2.56 -22.84
C MET C 93 -19.62 -2.04 -21.87
N GLU C 94 -19.94 -2.08 -20.58
CA GLU C 94 -19.05 -1.61 -19.53
C GLU C 94 -18.41 -2.78 -18.77
N ILE C 95 -17.11 -2.98 -18.98
CA ILE C 95 -16.40 -4.10 -18.37
C ILE C 95 -15.61 -3.67 -17.14
N PRO C 96 -15.89 -4.29 -15.98
CA PRO C 96 -15.24 -3.98 -14.69
C PRO C 96 -13.72 -4.12 -14.71
N LYS C 97 -13.02 -3.11 -14.22
CA LYS C 97 -11.55 -3.13 -14.18
C LYS C 97 -11.02 -4.25 -13.28
N GLY C 98 -11.81 -4.62 -12.28
CA GLY C 98 -11.42 -5.65 -11.34
C GLY C 98 -11.32 -7.02 -11.97
N LEU C 99 -12.18 -7.27 -12.95
CA LEU C 99 -12.20 -8.54 -13.68
C LEU C 99 -11.05 -8.67 -14.69
N ILE C 100 -10.68 -7.54 -15.28
CA ILE C 100 -9.58 -7.48 -16.22
C ILE C 100 -8.23 -7.61 -15.50
N ARG C 101 -8.09 -6.85 -14.42
CA ARG C 101 -6.84 -6.79 -13.68
C ARG C 101 -6.43 -8.15 -13.12
N SER C 102 -7.41 -8.97 -12.77
CA SER C 102 -7.12 -10.28 -12.18
C SER C 102 -7.06 -11.40 -13.21
N ALA C 103 -7.33 -11.06 -14.47
CA ALA C 103 -7.03 -11.94 -15.59
C ALA C 103 -5.55 -11.76 -15.94
N SER C 104 -5.11 -10.51 -15.87
CA SER C 104 -3.76 -10.09 -16.24
C SER C 104 -2.80 -10.18 -15.05
N VAL C 105 -3.26 -10.72 -13.93
CA VAL C 105 -2.41 -10.93 -12.78
C VAL C 105 -1.56 -12.18 -12.94
N THR C 106 -0.25 -12.03 -12.70
CA THR C 106 0.68 -13.16 -12.72
C THR C 106 0.63 -13.88 -11.39
N PRO C 107 0.56 -15.22 -11.45
CA PRO C 107 0.50 -16.02 -10.22
C PRO C 107 1.81 -15.95 -9.41
N LYS C 108 1.69 -15.96 -8.09
CA LYS C 108 2.84 -16.04 -7.21
C LYS C 108 3.28 -17.50 -7.17
N ILE C 109 4.58 -17.73 -7.07
CA ILE C 109 5.11 -19.09 -7.15
C ILE C 109 4.83 -19.95 -5.93
N ASN C 110 4.51 -19.33 -4.80
CA ASN C 110 4.09 -20.08 -3.62
C ASN C 110 2.79 -20.83 -3.90
N GLN C 111 1.98 -20.26 -4.81
CA GLN C 111 0.68 -20.81 -5.16
C GLN C 111 0.77 -21.97 -6.14
N LEU C 112 1.71 -21.88 -7.08
CA LEU C 112 1.78 -22.81 -8.19
C LEU C 112 2.44 -24.15 -7.87
N CYS C 113 3.56 -24.11 -7.16
CA CYS C 113 4.34 -25.31 -6.90
C CYS C 113 3.61 -26.28 -5.97
N SER C 114 2.67 -25.74 -5.20
CA SER C 114 2.00 -26.52 -4.15
C SER C 114 0.66 -27.14 -4.57
N GLN C 115 0.26 -26.94 -5.82
CA GLN C 115 -1.01 -27.48 -6.30
C GLN C 115 -0.93 -28.99 -6.59
N THR C 116 -2.01 -29.69 -6.27
CA THR C 116 -2.12 -31.12 -6.52
C THR C 116 -2.49 -31.43 -7.96
N LYS C 117 -3.22 -30.50 -8.58
CA LYS C 117 -3.78 -30.74 -9.92
C LYS C 117 -3.24 -29.78 -10.98
N GLY C 118 -3.25 -30.23 -12.23
CA GLY C 118 -2.73 -29.45 -13.34
C GLY C 118 -3.74 -28.46 -13.90
N SER C 119 -3.21 -27.47 -14.61
CA SER C 119 -4.02 -26.45 -15.28
C SER C 119 -3.19 -25.84 -16.41
N PHE C 120 -3.69 -24.76 -17.01
CA PHE C 120 -2.94 -24.08 -18.06
C PHE C 120 -2.68 -22.61 -17.73
N VAL C 121 -1.40 -22.27 -17.58
CA VAL C 121 -1.00 -21.02 -16.95
C VAL C 121 -0.48 -19.92 -17.88
N ASN C 122 -0.77 -18.68 -17.51
CA ASN C 122 -0.21 -17.52 -18.17
C ASN C 122 0.47 -16.65 -17.11
N GLY C 123 1.56 -16.00 -17.46
CA GLY C 123 2.22 -15.12 -16.52
C GLY C 123 3.55 -14.53 -16.95
N VAL C 124 4.06 -13.60 -16.13
CA VAL C 124 5.39 -13.02 -16.34
C VAL C 124 6.32 -13.32 -15.18
N PHE C 125 7.43 -13.96 -15.51
CA PHE C 125 8.37 -14.42 -14.51
C PHE C 125 9.75 -13.97 -14.89
N GLU C 126 10.59 -13.70 -13.90
CA GLU C 126 11.97 -13.38 -14.17
C GLU C 126 12.78 -14.67 -14.11
N VAL C 127 13.73 -14.81 -15.02
CA VAL C 127 14.59 -15.98 -15.02
C VAL C 127 15.82 -15.75 -14.13
N HIS C 128 16.14 -16.75 -13.31
CA HIS C 128 17.34 -16.70 -12.47
C HIS C 128 18.44 -17.59 -13.01
N LYS C 129 18.20 -18.90 -13.03
CA LYS C 129 19.15 -19.87 -13.57
C LYS C 129 18.61 -20.50 -14.85
N LYS C 130 19.49 -20.69 -15.83
CA LYS C 130 19.15 -21.40 -17.06
C LYS C 130 20.25 -22.41 -17.40
N ASN C 131 19.87 -23.69 -17.47
CA ASN C 131 20.81 -24.76 -17.86
C ASN C 131 20.20 -25.66 -18.94
N VAL C 132 21.02 -26.07 -19.89
CA VAL C 132 20.53 -26.75 -21.08
C VAL C 132 21.04 -28.20 -21.25
N ARG C 133 20.13 -29.11 -21.58
CA ARG C 133 20.49 -30.49 -21.91
C ARG C 133 19.76 -31.04 -23.13
N GLY C 134 20.50 -31.40 -24.17
CA GLY C 134 19.94 -32.09 -25.33
C GLY C 134 18.84 -31.33 -26.02
N GLU C 135 17.67 -31.97 -26.12
CA GLU C 135 16.49 -31.35 -26.74
C GLU C 135 15.76 -30.47 -25.74
N PHE C 136 16.14 -30.59 -24.47
CA PHE C 136 15.42 -29.96 -23.36
C PHE C 136 16.09 -28.69 -22.88
N THR C 137 15.29 -27.75 -22.39
CA THR C 137 15.80 -26.55 -21.74
C THR C 137 14.96 -26.21 -20.50
N TYR C 138 15.62 -25.83 -19.41
CA TYR C 138 14.92 -25.54 -18.16
C TYR C 138 15.23 -24.13 -17.67
N TYR C 139 14.21 -23.44 -17.15
CA TYR C 139 14.38 -22.11 -16.61
C TYR C 139 13.91 -22.04 -15.17
N GLU C 140 14.80 -21.72 -14.25
CA GLU C 140 14.39 -21.43 -12.90
C GLU C 140 13.92 -19.99 -12.80
N ILE C 141 12.69 -19.81 -12.36
CA ILE C 141 12.10 -18.50 -12.25
C ILE C 141 11.81 -18.24 -10.79
N GLN C 142 11.69 -16.97 -10.43
CA GLN C 142 11.52 -16.63 -9.04
C GLN C 142 10.73 -15.34 -8.84
N ASP C 143 9.98 -15.30 -7.75
CA ASP C 143 9.35 -14.07 -7.27
C ASP C 143 9.38 -14.09 -5.75
N ASN C 144 8.78 -13.07 -5.14
CA ASN C 144 8.83 -12.91 -3.70
C ASN C 144 8.35 -14.15 -2.93
N THR C 145 7.52 -14.96 -3.57
CA THR C 145 6.89 -16.10 -2.91
C THR C 145 7.66 -17.42 -3.02
N GLY C 146 8.69 -17.44 -3.87
CA GLY C 146 9.48 -18.65 -4.05
C GLY C 146 10.04 -18.80 -5.46
N LYS C 147 10.53 -20.00 -5.77
CA LYS C 147 11.13 -20.27 -7.06
C LYS C 147 10.82 -21.68 -7.56
N MET C 148 10.96 -21.88 -8.87
CA MET C 148 10.64 -23.17 -9.49
C MET C 148 11.18 -23.28 -10.92
N GLU C 149 10.84 -24.37 -11.59
CA GLU C 149 11.35 -24.64 -12.93
C GLU C 149 10.27 -24.59 -14.01
N VAL C 150 10.71 -24.31 -15.24
CA VAL C 150 9.85 -24.35 -16.41
C VAL C 150 10.57 -25.15 -17.49
N VAL C 151 9.96 -26.25 -17.93
CA VAL C 151 10.64 -27.12 -18.88
C VAL C 151 10.11 -26.94 -20.30
N VAL C 152 11.00 -26.55 -21.21
CA VAL C 152 10.62 -26.33 -22.59
C VAL C 152 11.35 -27.26 -23.54
N HIS C 153 10.60 -28.15 -24.19
CA HIS C 153 11.17 -28.93 -25.29
C HIS C 153 10.43 -28.58 -26.56
N GLY C 154 11.10 -28.72 -27.70
CA GLY C 154 10.52 -28.31 -28.96
C GLY C 154 10.91 -26.91 -29.39
N ARG C 155 10.05 -26.29 -30.18
CA ARG C 155 10.36 -25.02 -30.88
C ARG C 155 10.75 -23.88 -29.95
N LEU C 156 10.34 -23.98 -28.69
CA LEU C 156 10.57 -22.89 -27.76
C LEU C 156 11.95 -22.95 -27.12
N THR C 157 12.73 -23.96 -27.49
CA THR C 157 14.09 -24.07 -26.97
C THR C 157 14.98 -23.02 -27.64
N THR C 158 14.64 -22.64 -28.86
CA THR C 158 15.51 -21.79 -29.66
C THR C 158 15.38 -20.33 -29.31
N ILE C 159 14.50 -20.00 -28.39
CA ILE C 159 14.29 -18.60 -28.02
C ILE C 159 15.53 -18.02 -27.33
N ASN C 160 15.68 -16.71 -27.38
CA ASN C 160 16.82 -16.10 -26.74
C ASN C 160 16.41 -15.54 -25.40
N CYS C 161 16.85 -16.24 -24.35
CA CYS C 161 16.54 -15.86 -22.99
C CYS C 161 17.76 -16.15 -22.15
N GLU C 162 18.20 -15.19 -21.35
CA GLU C 162 19.34 -15.39 -20.48
C GLU C 162 18.94 -15.17 -19.03
N GLU C 163 19.88 -15.37 -18.12
CA GLU C 163 19.59 -15.15 -16.71
C GLU C 163 19.34 -13.65 -16.52
N GLY C 164 18.22 -13.33 -15.88
CA GLY C 164 17.85 -11.95 -15.61
C GLY C 164 16.73 -11.43 -16.48
N ASP C 165 16.50 -12.08 -17.63
CA ASP C 165 15.38 -11.71 -18.47
C ASP C 165 14.07 -12.09 -17.79
N LYS C 166 12.99 -11.48 -18.23
CA LYS C 166 11.66 -11.89 -17.80
C LYS C 166 10.98 -12.70 -18.89
N LEU C 167 10.31 -13.77 -18.48
CA LEU C 167 9.57 -14.64 -19.39
C LEU C 167 8.09 -14.37 -19.33
N LYS C 168 7.48 -14.04 -20.47
CA LYS C 168 6.03 -13.92 -20.51
C LYS C 168 5.40 -15.14 -21.17
N LEU C 169 4.75 -15.96 -20.36
CA LEU C 169 4.23 -17.23 -20.83
C LEU C 169 2.73 -17.20 -21.07
N THR C 170 2.31 -17.95 -22.09
CA THR C 170 0.90 -18.14 -22.39
C THR C 170 0.68 -19.64 -22.65
N CYS C 171 -0.24 -20.23 -21.90
CA CYS C 171 -0.58 -21.64 -22.06
C CYS C 171 0.62 -22.56 -21.87
N PHE C 172 1.16 -22.54 -20.67
CA PHE C 172 2.12 -23.54 -20.24
C PHE C 172 1.42 -24.40 -19.21
N GLU C 173 1.75 -25.69 -19.20
CA GLU C 173 1.02 -26.66 -18.39
C GLU C 173 1.65 -26.86 -17.03
N LEU C 174 0.88 -26.63 -15.97
CA LEU C 174 1.38 -26.92 -14.64
C LEU C 174 1.20 -28.40 -14.35
N ALA C 175 2.31 -29.06 -14.02
CA ALA C 175 2.30 -30.50 -13.78
C ALA C 175 2.78 -30.79 -12.37
N PRO C 176 1.85 -30.80 -11.42
CA PRO C 176 2.17 -31.03 -10.00
C PRO C 176 3.00 -32.30 -9.83
N LYS C 177 3.91 -32.29 -8.86
CA LYS C 177 4.71 -33.46 -8.55
C LYS C 177 4.73 -33.72 -7.05
N SER C 178 5.03 -34.96 -6.68
CA SER C 178 5.03 -35.35 -5.27
C SER C 178 5.97 -34.48 -4.44
N GLY C 179 5.43 -33.87 -3.39
CA GLY C 179 6.22 -33.04 -2.50
C GLY C 179 6.56 -31.66 -3.03
N ASN C 180 5.57 -30.94 -3.56
CA ASN C 180 5.77 -29.55 -3.99
C ASN C 180 6.76 -29.38 -5.13
N THR C 181 6.94 -30.42 -5.94
CA THR C 181 7.94 -30.42 -6.99
C THR C 181 7.36 -29.94 -8.33
N GLY C 182 6.09 -29.51 -8.30
CA GLY C 182 5.38 -29.11 -9.50
C GLY C 182 6.07 -28.08 -10.38
N GLU C 183 5.86 -28.20 -11.70
CA GLU C 183 6.51 -27.32 -12.66
C GLU C 183 5.64 -26.95 -13.87
N LEU C 184 6.08 -25.93 -14.59
CA LEU C 184 5.39 -25.47 -15.79
C LEU C 184 6.06 -26.03 -17.02
N ARG C 185 5.32 -26.81 -17.79
CA ARG C 185 5.91 -27.51 -18.92
C ARG C 185 5.42 -26.95 -20.24
N SER C 186 6.26 -27.04 -21.27
CA SER C 186 5.86 -26.61 -22.60
C SER C 186 4.91 -27.64 -23.23
N VAL C 187 3.82 -27.13 -23.81
CA VAL C 187 2.88 -27.93 -24.57
C VAL C 187 2.84 -27.44 -26.01
N ILE C 188 1.98 -28.04 -26.82
CA ILE C 188 1.97 -27.76 -28.27
C ILE C 188 1.52 -26.33 -28.58
N HIS C 189 0.69 -25.76 -27.71
CA HIS C 189 0.19 -24.41 -27.90
C HIS C 189 0.94 -23.34 -27.12
N SER C 190 2.01 -23.71 -26.44
CA SER C 190 2.78 -22.76 -25.66
C SER C 190 3.31 -21.61 -26.48
N HIS C 191 3.34 -20.42 -25.89
CA HIS C 191 3.90 -19.23 -26.52
C HIS C 191 4.78 -18.52 -25.50
N ILE C 192 5.80 -17.83 -25.98
CA ILE C 192 6.61 -16.99 -25.10
C ILE C 192 6.95 -15.66 -25.75
N LYS C 193 6.89 -14.60 -24.95
CA LYS C 193 7.63 -13.39 -25.25
C LYS C 193 8.69 -13.20 -24.18
N VAL C 194 9.91 -12.92 -24.61
CA VAL C 194 10.98 -12.60 -23.67
C VAL C 194 11.07 -11.10 -23.52
N ILE C 195 10.98 -10.62 -22.28
CA ILE C 195 11.18 -9.21 -22.03
C ILE C 195 12.58 -9.03 -21.48
N LYS C 196 13.46 -8.49 -22.31
CA LYS C 196 14.86 -8.41 -21.93
C LYS C 196 15.12 -7.27 -20.97
N THR C 197 16.21 -7.41 -20.21
CA THR C 197 16.57 -6.47 -19.15
C THR C 197 17.61 -5.44 -19.60
N ARG C 198 18.15 -4.69 -18.63
CA ARG C 198 18.98 -3.51 -18.90
C ARG C 198 20.09 -3.71 -19.93
N LYS C 199 21.13 -4.43 -19.54
CA LYS C 199 22.34 -4.56 -20.38
C LYS C 199 22.38 -5.80 -21.25
N ASN C 200 21.26 -6.52 -21.32
CA ASN C 200 21.16 -7.72 -22.15
C ASN C 200 21.01 -7.40 -23.64
N ALA C 201 19.93 -6.69 -23.98
CA ALA C 201 19.50 -6.51 -25.36
C ALA C 201 20.37 -5.57 -26.22
N ALA C 202 19.89 -5.33 -27.44
CA ALA C 202 20.59 -4.54 -28.46
C ALA C 202 20.69 -3.06 -28.12
N ALA C 203 21.59 -2.37 -28.82
CA ALA C 203 21.69 -0.92 -28.71
C ALA C 203 21.82 -0.25 -30.08
N SER C 204 21.10 0.86 -30.25
CA SER C 204 21.03 1.60 -31.52
C SER C 204 20.99 0.72 -32.77
N SER D 6 6.11 42.70 -10.83
CA SER D 6 5.33 41.84 -11.71
C SER D 6 4.74 40.67 -10.93
N ALA D 7 3.49 40.82 -10.51
CA ALA D 7 2.77 39.79 -9.78
C ALA D 7 1.27 39.99 -9.98
N GLN D 8 0.46 39.28 -9.21
CA GLN D 8 -0.98 39.47 -9.25
C GLN D 8 -1.52 40.01 -7.93
N SER D 9 -1.59 39.13 -6.92
CA SER D 9 -2.05 39.48 -5.58
C SER D 9 -3.57 39.51 -5.44
N ASP D 10 -4.28 39.46 -6.56
CA ASP D 10 -5.73 39.42 -6.52
C ASP D 10 -6.19 38.11 -5.90
N LEU D 11 -7.41 38.10 -5.38
CA LEU D 11 -7.95 36.90 -4.75
C LEU D 11 -8.07 35.75 -5.73
N LYS D 12 -7.72 34.55 -5.28
CA LYS D 12 -7.71 33.38 -6.14
C LYS D 12 -8.44 32.22 -5.51
N GLU D 13 -9.25 31.54 -6.30
CA GLU D 13 -9.87 30.28 -5.93
C GLU D 13 -9.00 29.17 -6.48
N VAL D 14 -8.35 28.43 -5.58
CA VAL D 14 -7.40 27.42 -5.98
C VAL D 14 -7.72 26.12 -5.28
N MET D 15 -7.36 25.00 -5.90
CA MET D 15 -7.41 23.72 -5.20
C MET D 15 -6.02 23.24 -4.80
N VAL D 16 -5.91 22.79 -3.56
CA VAL D 16 -4.63 22.35 -3.04
C VAL D 16 -4.29 20.98 -3.59
N LEU D 17 -3.14 20.90 -4.25
CA LEU D 17 -2.64 19.65 -4.80
C LEU D 17 -1.95 18.85 -3.71
N ASN D 18 -0.86 19.41 -3.18
CA ASN D 18 -0.07 18.74 -2.16
C ASN D 18 0.45 19.74 -1.12
N ALA D 19 0.68 19.25 0.10
CA ALA D 19 1.23 20.06 1.18
C ALA D 19 2.25 19.24 1.96
N THR D 20 3.39 19.83 2.25
CA THR D 20 4.36 19.14 3.06
C THR D 20 3.88 19.16 4.51
N GLU D 21 4.62 18.53 5.40
CA GLU D 21 4.34 18.63 6.82
C GLU D 21 4.78 20.01 7.29
N SER D 22 4.33 20.40 8.49
CA SER D 22 4.82 21.62 9.11
C SER D 22 6.17 21.39 9.80
N PHE D 23 7.18 22.15 9.39
CA PHE D 23 8.54 21.96 9.86
C PHE D 23 9.15 23.26 10.38
N VAL D 24 10.29 23.16 11.06
CA VAL D 24 11.00 24.32 11.57
C VAL D 24 12.14 24.65 10.61
N TYR D 25 12.01 25.75 9.87
CA TYR D 25 13.06 26.17 8.96
C TYR D 25 13.96 27.19 9.63
N GLU D 26 13.54 27.63 10.82
CA GLU D 26 14.31 28.58 11.61
C GLU D 26 14.37 28.15 13.08
N PRO D 27 15.41 27.38 13.44
CA PRO D 27 15.62 26.79 14.77
C PRO D 27 15.96 27.80 15.88
N LYS D 28 16.54 28.93 15.51
CA LYS D 28 16.84 29.97 16.49
C LYS D 28 15.56 30.41 17.23
N GLU D 29 14.64 31.01 16.48
CA GLU D 29 13.37 31.46 17.04
C GLU D 29 12.29 30.38 17.08
N GLN D 30 12.55 29.22 16.46
CA GLN D 30 11.53 28.16 16.38
C GLN D 30 10.52 28.36 15.27
N LYS D 31 10.72 29.40 14.46
CA LYS D 31 9.81 29.70 13.35
C LYS D 31 9.53 28.49 12.47
N LYS D 32 8.24 28.26 12.18
CA LYS D 32 7.79 27.09 11.44
C LYS D 32 7.01 27.47 10.17
N MET D 33 6.99 26.57 9.19
CA MET D 33 6.30 26.80 7.92
C MET D 33 5.97 25.47 7.29
N PHE D 34 5.09 25.47 6.30
CA PHE D 34 5.00 24.33 5.38
C PHE D 34 4.88 24.84 3.95
N HIS D 35 5.27 24.02 2.99
CA HIS D 35 5.18 24.39 1.58
C HIS D 35 3.96 23.73 0.97
N ALA D 36 3.34 24.38 0.01
CA ALA D 36 2.18 23.80 -0.64
C ALA D 36 2.22 24.01 -2.13
N THR D 37 1.35 23.32 -2.84
CA THR D 37 1.14 23.58 -4.25
C THR D 37 -0.37 23.66 -4.48
N VAL D 38 -0.79 24.63 -5.29
CA VAL D 38 -2.20 24.81 -5.57
C VAL D 38 -2.37 25.16 -7.04
N ALA D 39 -3.61 25.17 -7.52
CA ALA D 39 -3.83 25.49 -8.92
C ALA D 39 -5.13 26.23 -9.20
N THR D 40 -5.09 27.12 -10.18
CA THR D 40 -6.28 27.57 -10.87
C THR D 40 -6.30 26.90 -12.23
N GLU D 41 -7.31 27.24 -13.03
CA GLU D 41 -7.43 26.68 -14.36
C GLU D 41 -6.19 26.94 -15.20
N ASN D 42 -5.63 28.15 -15.10
CA ASN D 42 -4.57 28.55 -16.01
C ASN D 42 -3.12 28.35 -15.54
N GLU D 43 -2.92 28.10 -14.25
CA GLU D 43 -1.56 27.74 -13.80
C GLU D 43 -1.44 27.21 -12.36
N VAL D 44 -0.22 26.80 -12.02
CA VAL D 44 0.09 26.16 -10.76
C VAL D 44 1.00 27.06 -9.95
N PHE D 45 0.72 27.18 -8.66
CA PHE D 45 1.52 28.04 -7.81
C PHE D 45 2.22 27.25 -6.71
N ARG D 46 3.42 27.71 -6.37
CA ARG D 46 4.13 27.19 -5.22
C ARG D 46 3.85 28.15 -4.07
N VAL D 47 3.55 27.60 -2.90
CA VAL D 47 3.12 28.39 -1.76
C VAL D 47 4.00 28.11 -0.55
N LYS D 48 4.51 29.17 0.07
CA LYS D 48 5.20 29.05 1.35
C LYS D 48 4.22 29.58 2.37
N VAL D 49 3.74 28.71 3.26
CA VAL D 49 2.70 29.10 4.21
C VAL D 49 3.31 29.27 5.60
N PHE D 50 3.24 30.49 6.12
CA PHE D 50 3.88 30.80 7.40
C PHE D 50 2.93 30.75 8.59
N ASN D 51 1.64 30.55 8.31
CA ASN D 51 0.68 30.25 9.36
C ASN D 51 0.33 28.78 9.25
N ILE D 52 0.85 27.99 10.18
CA ILE D 52 0.79 26.54 10.03
C ILE D 52 -0.49 25.99 10.64
N ASP D 53 -1.32 26.88 11.16
CA ASP D 53 -2.66 26.51 11.57
C ASP D 53 -3.53 26.33 10.33
N LEU D 54 -2.97 26.71 9.19
CA LEU D 54 -3.65 26.58 7.91
C LEU D 54 -3.45 25.20 7.30
N LYS D 55 -2.75 24.33 8.02
CA LYS D 55 -2.44 23.00 7.51
C LYS D 55 -3.71 22.28 7.06
N GLU D 56 -4.72 22.26 7.94
CA GLU D 56 -5.99 21.63 7.61
C GLU D 56 -6.52 22.14 6.27
N LYS D 57 -6.62 23.47 6.14
CA LYS D 57 -7.14 24.09 4.92
C LYS D 57 -6.40 23.64 3.68
N PHE D 58 -5.14 23.28 3.85
CA PHE D 58 -4.29 22.93 2.71
C PHE D 58 -4.33 21.44 2.36
N THR D 59 -5.25 20.72 2.99
CA THR D 59 -5.54 19.33 2.61
C THR D 59 -5.83 19.23 1.11
N PRO D 60 -5.07 18.39 0.41
CA PRO D 60 -5.25 18.24 -1.04
C PRO D 60 -6.68 17.89 -1.44
N LYS D 61 -7.04 18.32 -2.64
CA LYS D 61 -8.40 18.19 -3.14
C LYS D 61 -9.42 19.04 -2.36
N LYS D 62 -8.94 20.09 -1.70
CA LYS D 62 -9.81 21.05 -1.07
C LYS D 62 -9.65 22.37 -1.80
N ILE D 63 -10.77 22.99 -2.16
CA ILE D 63 -10.72 24.28 -2.83
C ILE D 63 -10.86 25.38 -1.79
N ILE D 64 -10.03 26.40 -1.91
CA ILE D 64 -10.05 27.49 -0.97
C ILE D 64 -9.81 28.81 -1.68
N ALA D 65 -10.17 29.89 -1.01
CA ALA D 65 -9.86 31.23 -1.48
C ALA D 65 -8.63 31.73 -0.76
N ILE D 66 -7.75 32.38 -1.50
CA ILE D 66 -6.53 32.94 -0.93
C ILE D 66 -6.44 34.43 -1.23
N ALA D 67 -6.37 35.24 -0.20
CA ALA D 67 -6.28 36.67 -0.40
C ALA D 67 -5.31 37.25 0.59
N ASN D 68 -4.76 38.42 0.26
CA ASN D 68 -3.80 39.09 1.12
C ASN D 68 -2.58 38.22 1.40
N TYR D 69 -2.08 37.58 0.35
CA TYR D 69 -0.84 36.84 0.42
C TYR D 69 0.24 37.72 -0.19
N VAL D 70 1.47 37.21 -0.16
CA VAL D 70 2.61 37.96 -0.64
C VAL D 70 3.27 37.19 -1.75
N CYS D 71 3.46 37.83 -2.89
CA CYS D 71 4.22 37.19 -3.95
C CYS D 71 5.68 37.54 -3.73
N ARG D 72 6.52 36.55 -3.47
CA ARG D 72 7.95 36.82 -3.38
C ARG D 72 8.74 35.70 -4.02
N ASN D 73 9.68 36.09 -4.87
CA ASN D 73 10.52 35.13 -5.57
C ASN D 73 9.72 34.01 -6.21
N GLY D 74 8.68 34.37 -6.96
CA GLY D 74 7.89 33.39 -7.66
C GLY D 74 7.06 32.52 -6.74
N PHE D 75 6.93 32.93 -5.49
CA PHE D 75 6.07 32.24 -4.53
C PHE D 75 4.92 33.13 -4.09
N LEU D 76 3.85 32.49 -3.66
CA LEU D 76 2.84 33.17 -2.88
C LEU D 76 3.17 32.86 -1.45
N GLU D 77 3.20 33.87 -0.60
CA GLU D 77 3.54 33.67 0.79
C GLU D 77 2.33 33.97 1.64
N VAL D 78 1.97 33.03 2.50
CA VAL D 78 0.74 33.15 3.26
C VAL D 78 1.05 33.39 4.71
N TYR D 79 0.73 34.61 5.16
CA TYR D 79 0.94 35.00 6.54
C TYR D 79 -0.36 34.99 7.34
N PRO D 80 -0.24 35.20 8.66
CA PRO D 80 -1.45 35.12 9.48
C PRO D 80 -2.44 36.22 9.13
N PHE D 81 -1.96 37.27 8.46
CA PHE D 81 -2.83 38.34 8.02
C PHE D 81 -3.44 38.02 6.65
N THR D 82 -3.07 36.86 6.12
CA THR D 82 -3.54 36.40 4.81
C THR D 82 -4.88 35.67 4.95
N LEU D 83 -5.78 35.94 4.02
CA LEU D 83 -7.09 35.31 4.00
C LEU D 83 -7.04 33.98 3.27
N VAL D 84 -7.30 32.90 3.99
CA VAL D 84 -7.44 31.58 3.37
C VAL D 84 -8.72 31.00 3.92
N ALA D 85 -9.69 30.74 3.04
CA ALA D 85 -11.01 30.32 3.49
C ALA D 85 -11.65 29.29 2.57
N ASP D 86 -12.60 28.55 3.11
CA ASP D 86 -13.23 27.47 2.34
C ASP D 86 -14.18 28.03 1.28
N VAL D 87 -14.05 27.52 0.06
CA VAL D 87 -14.78 28.00 -1.11
C VAL D 87 -16.22 27.48 -1.25
N ASN D 88 -17.05 28.23 -1.98
CA ASN D 88 -18.42 27.84 -2.29
C ASN D 88 -18.51 26.42 -2.85
N ALA D 89 -19.38 25.60 -2.26
CA ALA D 89 -19.43 24.18 -2.59
C ALA D 89 -19.89 23.86 -4.01
N ASP D 90 -20.37 24.89 -4.72
CA ASP D 90 -20.92 24.69 -6.06
C ASP D 90 -19.85 24.64 -7.16
N ARG D 91 -18.65 25.10 -6.85
CA ARG D 91 -17.62 25.35 -7.86
C ARG D 91 -17.43 24.22 -8.87
N ASN D 92 -16.86 23.11 -8.40
CA ASN D 92 -16.51 21.99 -9.29
C ASN D 92 -15.63 22.42 -10.45
N MET D 93 -14.49 23.02 -10.12
CA MET D 93 -13.54 23.46 -11.15
C MET D 93 -12.81 22.28 -11.79
N GLU D 94 -12.56 22.38 -13.09
CA GLU D 94 -11.86 21.34 -13.82
C GLU D 94 -10.43 21.76 -14.16
N ILE D 95 -9.47 21.15 -13.48
CA ILE D 95 -8.08 21.55 -13.61
C ILE D 95 -7.30 20.65 -14.58
N PRO D 96 -6.76 21.25 -15.65
CA PRO D 96 -6.02 20.55 -16.71
C PRO D 96 -4.93 19.61 -16.17
N LYS D 97 -4.89 18.39 -16.68
CA LYS D 97 -3.94 17.40 -16.21
C LYS D 97 -2.52 17.68 -16.68
N GLY D 98 -2.39 18.04 -17.96
CA GLY D 98 -1.08 18.28 -18.54
C GLY D 98 -0.25 19.23 -17.70
N LEU D 99 -0.92 20.18 -17.06
CA LEU D 99 -0.24 21.18 -16.25
C LEU D 99 0.17 20.64 -14.87
N ILE D 100 -0.54 19.63 -14.38
CA ILE D 100 -0.18 19.02 -13.11
C ILE D 100 1.17 18.32 -13.23
N ARG D 101 1.31 17.51 -14.27
CA ARG D 101 2.59 16.89 -14.56
C ARG D 101 3.69 17.95 -14.64
N SER D 102 3.44 18.99 -15.42
CA SER D 102 4.43 20.03 -15.64
C SER D 102 4.82 20.75 -14.35
N ALA D 103 3.88 20.83 -13.42
CA ALA D 103 4.16 21.38 -12.10
C ALA D 103 4.88 20.34 -11.25
N SER D 104 4.59 19.08 -11.55
CA SER D 104 5.13 17.95 -10.82
C SER D 104 6.39 17.36 -11.47
N VAL D 105 6.87 18.00 -12.54
CA VAL D 105 8.02 17.47 -13.27
C VAL D 105 9.36 17.94 -12.71
N THR D 106 10.32 17.01 -12.69
CA THR D 106 11.66 17.27 -12.17
C THR D 106 12.61 17.67 -13.29
N PRO D 107 13.23 18.84 -13.16
CA PRO D 107 14.14 19.38 -14.17
C PRO D 107 15.33 18.46 -14.44
N LYS D 108 15.83 18.47 -15.67
CA LYS D 108 17.02 17.68 -16.02
C LYS D 108 18.28 18.45 -15.63
N ILE D 109 19.31 17.71 -15.24
CA ILE D 109 20.53 18.32 -14.69
C ILE D 109 21.38 19.13 -15.68
N ASN D 110 21.66 18.58 -16.86
CA ASN D 110 22.43 19.33 -17.84
C ASN D 110 21.65 20.56 -18.32
N GLN D 111 20.35 20.56 -18.03
CA GLN D 111 19.49 21.71 -18.29
C GLN D 111 19.59 22.76 -17.19
N LEU D 112 19.77 22.31 -15.95
CA LEU D 112 19.91 23.20 -14.80
C LEU D 112 21.31 23.80 -14.71
N CYS D 113 22.32 22.96 -14.87
CA CYS D 113 23.72 23.38 -14.73
C CYS D 113 24.09 24.38 -15.82
N SER D 114 23.26 24.45 -16.85
CA SER D 114 23.44 25.40 -17.94
C SER D 114 22.61 26.69 -17.77
N GLN D 115 21.94 26.81 -16.62
CA GLN D 115 21.08 27.95 -16.36
C GLN D 115 21.82 29.28 -16.38
N THR D 116 21.23 30.27 -17.06
CA THR D 116 21.79 31.62 -17.11
C THR D 116 21.39 32.47 -15.90
N LYS D 117 20.12 32.36 -15.50
CA LYS D 117 19.58 33.20 -14.43
C LYS D 117 19.13 32.39 -13.21
N GLY D 118 19.66 32.74 -12.04
CA GLY D 118 19.40 31.99 -10.83
C GLY D 118 17.94 31.88 -10.41
N SER D 119 17.47 30.66 -10.25
CA SER D 119 16.08 30.42 -9.85
C SER D 119 16.01 29.60 -8.57
N PHE D 120 14.79 29.27 -8.15
CA PHE D 120 14.58 28.37 -7.02
C PHE D 120 13.95 27.09 -7.50
N VAL D 121 14.63 25.98 -7.26
CA VAL D 121 14.26 24.70 -7.87
C VAL D 121 13.58 23.73 -6.91
N ASN D 122 12.62 22.98 -7.46
CA ASN D 122 12.03 21.83 -6.78
C ASN D 122 12.14 20.61 -7.70
N GLY D 123 12.51 19.47 -7.12
CA GLY D 123 12.65 18.25 -7.89
C GLY D 123 13.24 17.09 -7.12
N VAL D 124 13.24 15.91 -7.72
CA VAL D 124 13.77 14.72 -7.07
C VAL D 124 14.94 14.14 -7.86
N PHE D 125 15.96 13.66 -7.15
CA PHE D 125 17.18 13.22 -7.83
C PHE D 125 17.92 12.08 -7.15
N GLU D 126 18.68 11.34 -7.94
CA GLU D 126 19.49 10.23 -7.44
C GLU D 126 20.80 10.77 -6.89
N VAL D 127 21.12 10.38 -5.66
CA VAL D 127 22.36 10.79 -5.03
C VAL D 127 23.44 9.73 -5.19
N HIS D 128 24.53 10.10 -5.88
CA HIS D 128 25.63 9.18 -6.15
C HIS D 128 26.75 9.29 -5.13
N LYS D 129 27.40 10.46 -5.11
CA LYS D 129 28.46 10.72 -4.15
C LYS D 129 27.95 11.67 -3.07
N LYS D 130 28.48 11.53 -1.87
CA LYS D 130 28.14 12.43 -0.77
C LYS D 130 29.40 12.71 0.04
N ASN D 131 29.63 13.98 0.34
CA ASN D 131 30.85 14.39 1.02
C ASN D 131 30.58 15.39 2.14
N VAL D 132 31.06 15.10 3.34
CA VAL D 132 30.84 15.97 4.49
C VAL D 132 32.09 16.75 4.88
N ARG D 133 32.02 18.07 4.79
CA ARG D 133 33.11 18.93 5.26
C ARG D 133 32.61 20.00 6.22
N GLY D 134 33.01 19.90 7.48
CA GLY D 134 32.63 20.87 8.48
C GLY D 134 31.13 21.01 8.61
N GLU D 135 30.64 22.24 8.46
CA GLU D 135 29.23 22.53 8.63
C GLU D 135 28.44 22.43 7.32
N PHE D 136 29.11 21.98 6.27
CA PHE D 136 28.46 21.78 4.97
C PHE D 136 28.44 20.31 4.59
N THR D 137 27.47 19.92 3.77
CA THR D 137 27.37 18.56 3.23
C THR D 137 27.12 18.60 1.72
N TYR D 138 27.96 17.89 0.97
CA TYR D 138 27.91 17.96 -0.50
C TYR D 138 27.35 16.68 -1.14
N TYR D 139 26.24 16.83 -1.85
CA TYR D 139 25.63 15.71 -2.55
C TYR D 139 25.96 15.81 -4.05
N GLU D 140 26.56 14.75 -4.57
CA GLU D 140 26.81 14.64 -5.99
C GLU D 140 25.64 13.89 -6.59
N ILE D 141 24.87 14.60 -7.42
CA ILE D 141 23.64 14.05 -7.96
C ILE D 141 23.75 13.92 -9.47
N GLN D 142 22.98 13.01 -10.05
CA GLN D 142 23.08 12.79 -11.49
C GLN D 142 21.87 12.09 -12.10
N ASP D 143 21.74 12.24 -13.41
CA ASP D 143 20.78 11.48 -14.20
C ASP D 143 21.33 11.36 -15.62
N ASN D 144 20.53 10.80 -16.52
CA ASN D 144 21.00 10.52 -17.88
C ASN D 144 21.60 11.72 -18.61
N THR D 145 21.24 12.94 -18.20
CA THR D 145 21.68 14.13 -18.90
C THR D 145 23.05 14.66 -18.46
N GLY D 146 23.52 14.21 -17.31
CA GLY D 146 24.74 14.73 -16.73
C GLY D 146 24.67 14.72 -15.22
N LYS D 147 25.55 15.47 -14.57
CA LYS D 147 25.58 15.51 -13.12
C LYS D 147 25.95 16.89 -12.54
N MET D 148 25.54 17.12 -11.30
CA MET D 148 25.79 18.38 -10.59
C MET D 148 25.74 18.18 -9.09
N GLU D 149 25.76 19.28 -8.34
CA GLU D 149 25.82 19.18 -6.87
C GLU D 149 24.73 19.90 -6.10
N VAL D 150 24.35 19.29 -4.99
CA VAL D 150 23.52 19.93 -3.98
C VAL D 150 24.42 20.38 -2.84
N VAL D 151 24.30 21.62 -2.44
CA VAL D 151 25.07 22.11 -1.31
C VAL D 151 24.17 22.44 -0.14
N VAL D 152 24.23 21.62 0.90
CA VAL D 152 23.36 21.72 2.06
C VAL D 152 24.11 22.30 3.25
N HIS D 153 23.46 23.20 3.99
CA HIS D 153 24.05 23.72 5.22
C HIS D 153 22.96 24.06 6.22
N GLY D 154 23.33 24.14 7.49
CA GLY D 154 22.38 24.41 8.54
C GLY D 154 21.64 23.17 9.01
N ARG D 155 20.37 23.36 9.35
CA ARG D 155 19.55 22.33 9.98
C ARG D 155 19.52 21.02 9.21
N LEU D 156 19.62 21.12 7.89
CA LEU D 156 19.53 19.96 7.02
C LEU D 156 20.77 19.06 7.05
N THR D 157 21.90 19.61 7.46
CA THR D 157 23.13 18.85 7.47
C THR D 157 22.99 17.59 8.34
N THR D 158 22.03 17.63 9.26
CA THR D 158 21.86 16.56 10.23
C THR D 158 20.94 15.46 9.72
N ILE D 159 20.49 15.57 8.48
CA ILE D 159 19.58 14.58 7.90
C ILE D 159 20.28 13.29 7.46
N ASN D 160 19.51 12.21 7.41
CA ASN D 160 20.04 10.93 6.98
C ASN D 160 19.68 10.58 5.55
N CYS D 161 20.65 10.68 4.66
CA CYS D 161 20.49 10.37 3.26
C CYS D 161 21.81 9.82 2.78
N GLU D 162 21.78 8.79 1.94
CA GLU D 162 23.03 8.14 1.54
C GLU D 162 23.13 7.91 0.02
N GLU D 163 24.19 7.20 -0.39
CA GLU D 163 24.37 6.85 -1.80
C GLU D 163 23.26 5.90 -2.21
N GLY D 164 22.59 6.21 -3.31
CA GLY D 164 21.49 5.39 -3.79
C GLY D 164 20.16 5.86 -3.21
N ASP D 165 20.24 6.73 -2.21
CA ASP D 165 19.04 7.39 -1.71
C ASP D 165 18.63 8.47 -2.67
N LYS D 166 17.38 8.91 -2.56
CA LYS D 166 16.88 9.96 -3.41
C LYS D 166 16.42 11.17 -2.59
N LEU D 167 16.73 12.36 -3.08
CA LEU D 167 16.35 13.59 -2.41
C LEU D 167 15.10 14.17 -3.06
N LYS D 168 14.08 14.40 -2.25
CA LYS D 168 12.91 15.11 -2.72
C LYS D 168 13.08 16.54 -2.22
N LEU D 169 13.42 17.43 -3.14
CA LEU D 169 13.96 18.74 -2.77
C LEU D 169 12.97 19.86 -2.97
N THR D 170 13.03 20.83 -2.08
CA THR D 170 12.07 21.92 -2.11
C THR D 170 12.74 23.27 -1.86
N CYS D 171 12.39 24.25 -2.69
CA CYS D 171 12.92 25.59 -2.58
C CYS D 171 14.43 25.55 -2.32
N PHE D 172 15.16 25.03 -3.30
CA PHE D 172 16.60 25.07 -3.27
C PHE D 172 17.08 26.09 -4.29
N GLU D 173 17.94 27.00 -3.86
CA GLU D 173 18.39 28.06 -4.75
C GLU D 173 19.40 27.54 -5.75
N LEU D 174 19.07 27.70 -7.03
CA LEU D 174 20.03 27.41 -8.08
C LEU D 174 20.94 28.61 -8.23
N ALA D 175 22.24 28.38 -8.08
CA ALA D 175 23.21 29.47 -8.19
C ALA D 175 24.19 29.17 -9.31
N PRO D 176 23.85 29.61 -10.53
CA PRO D 176 24.67 29.32 -11.72
C PRO D 176 26.14 29.68 -11.49
N LYS D 177 27.04 28.88 -12.04
CA LYS D 177 28.46 29.16 -11.92
C LYS D 177 29.15 29.24 -13.29
N SER D 178 30.28 29.92 -13.33
CA SER D 178 31.05 30.07 -14.55
C SER D 178 31.50 28.72 -15.09
N GLY D 179 31.20 28.46 -16.35
CA GLY D 179 31.57 27.21 -17.00
C GLY D 179 30.72 26.01 -16.64
N ASN D 180 29.40 26.19 -16.65
CA ASN D 180 28.46 25.09 -16.42
C ASN D 180 28.64 24.35 -15.10
N THR D 181 29.16 25.05 -14.10
CA THR D 181 29.47 24.43 -12.81
C THR D 181 28.30 24.58 -11.84
N GLY D 182 27.19 25.10 -12.34
CA GLY D 182 26.06 25.46 -11.50
C GLY D 182 25.68 24.40 -10.48
N GLU D 183 25.29 24.85 -9.29
CA GLU D 183 24.97 23.96 -8.19
C GLU D 183 23.77 24.44 -7.36
N LEU D 184 23.05 23.50 -6.77
CA LEU D 184 21.91 23.82 -5.91
C LEU D 184 22.35 23.94 -4.47
N ARG D 185 21.81 24.94 -3.78
CA ARG D 185 22.17 25.18 -2.39
C ARG D 185 20.92 25.30 -1.52
N SER D 186 21.01 24.80 -0.30
CA SER D 186 19.90 24.88 0.63
C SER D 186 19.72 26.33 1.10
N VAL D 187 18.54 26.89 0.87
CA VAL D 187 18.22 28.22 1.38
C VAL D 187 17.28 28.16 2.57
N ILE D 188 17.00 29.33 3.14
CA ILE D 188 16.27 29.44 4.40
C ILE D 188 14.97 28.64 4.42
N HIS D 189 14.27 28.66 3.30
CA HIS D 189 12.97 28.02 3.21
C HIS D 189 13.06 26.60 2.66
N SER D 190 14.29 26.12 2.46
CA SER D 190 14.52 24.82 1.85
C SER D 190 13.98 23.68 2.70
N HIS D 191 13.52 22.62 2.02
CA HIS D 191 12.95 21.43 2.64
C HIS D 191 13.35 20.21 1.83
N ILE D 192 13.57 19.09 2.53
CA ILE D 192 13.90 17.83 1.88
C ILE D 192 13.07 16.67 2.43
N LYS D 193 12.50 15.89 1.53
CA LYS D 193 12.09 14.54 1.88
C LYS D 193 13.11 13.57 1.31
N VAL D 194 13.57 12.63 2.13
CA VAL D 194 14.50 11.62 1.64
C VAL D 194 13.77 10.31 1.37
N ILE D 195 13.79 9.88 0.12
CA ILE D 195 13.18 8.62 -0.25
C ILE D 195 14.24 7.57 -0.48
N LYS D 196 14.32 6.63 0.46
CA LYS D 196 15.41 5.67 0.49
C LYS D 196 15.29 4.50 -0.50
N THR D 197 16.44 3.87 -0.77
CA THR D 197 16.51 2.78 -1.73
C THR D 197 16.07 1.45 -1.09
N ARG D 198 16.37 0.34 -1.76
CA ARG D 198 15.76 -0.95 -1.43
C ARG D 198 15.63 -1.22 0.08
N LYS D 199 16.74 -1.48 0.76
CA LYS D 199 16.71 -1.39 2.21
C LYS D 199 17.72 -0.34 2.67
N ASN D 200 17.23 0.86 2.94
CA ASN D 200 18.01 1.85 3.68
C ASN D 200 17.50 2.07 5.11
N ALA D 201 16.40 1.40 5.43
CA ALA D 201 15.59 1.77 6.61
C ALA D 201 15.30 0.60 7.56
N ALA D 202 14.57 0.90 8.62
CA ALA D 202 14.20 -0.10 9.60
C ALA D 202 13.12 -1.03 9.05
N ALA D 203 13.14 -2.29 9.48
CA ALA D 203 12.15 -3.27 9.02
C ALA D 203 11.34 -3.81 10.19
N SER D 204 10.13 -4.26 9.89
CA SER D 204 9.23 -4.82 10.90
C SER D 204 9.06 -3.87 12.09
C FMT G . 17.86 9.19 14.19
O1 FMT G . 17.92 8.82 13.01
O2 FMT G . 17.20 8.61 15.04
C1 EDO H . -35.52 -26.94 10.49
O1 EDO H . -36.84 -27.08 9.96
C2 EDO H . -34.50 -27.21 9.38
O2 EDO H . -33.98 -28.54 9.53
C FMT I . -28.61 -1.30 13.97
O1 FMT I . -28.92 -1.39 12.76
O2 FMT I . -29.28 -1.91 14.83
C FMT J . 7.22 -17.93 -29.65
O1 FMT J . 6.57 -18.05 -28.62
O2 FMT J . 6.87 -17.28 -30.64
C1 EDO K . -6.33 36.76 8.86
O1 EDO K . -7.05 37.94 9.26
C2 EDO K . -7.19 36.00 7.87
O2 EDO K . -8.55 36.29 8.17
C FMT L . 12.98 19.08 6.98
O1 FMT L . 11.93 18.93 7.61
O2 FMT L . 13.22 20.03 6.24
C FMT M . 9.07 39.71 -6.16
O1 FMT M . 9.81 38.72 -5.92
O2 FMT M . 8.09 39.59 -6.92
#